data_5PZQ
#
_entry.id   5PZQ
#
_cell.length_a   66.950
_cell.length_b   143.400
_cell.length_c   74.220
_cell.angle_alpha   90.000
_cell.angle_beta   108.150
_cell.angle_gamma   90.000
#
_symmetry.space_group_name_H-M   'P 1 21 1'
#
loop_
_entity.id
_entity.type
_entity.pdbx_description
1 polymer 'Fructose-1,6-bisphosphatase 1'
2 non-polymer '2-(4-methoxyphenyl)furan-3,4-dicarboxylic acid'
3 water water
#
_entity_poly.entity_id   1
_entity_poly.type   'polypeptide(L)'
_entity_poly.pdbx_seq_one_letter_code
;MADQAPFDTDVNTLTRFVMEEGRKARGTGELTQLLNSLCTAVKAISSAVRKAGIAHLYGIAGSTNVTGDQVKKLDVLSND
LVMNMLKSSFATCVLVSEEDKHAIIVEPEKRGKYVVCFDPLDGSSNIDCLVSVGTIFGIYRKKSTDEPSEKDALQPGRNL
VAAGYALYGSATMLVLAMDCGVNCFMLDPAIGEFILVDKDVKIKKKGKIYSLNEGYAKDFDPAVTEYIQRKKFPPDNSAP
YGARYVGSMVADVHRTLVYGGIFLYPANKKSPNGKLRLLYECNPMAYVMEKAGGMATTGKEAVLDVIPTDIHQRAPVILG
SPDDVLEFLKVYEKHSAQ
;
_entity_poly.pdbx_strand_id   A,B,C,D
#
# COMPACT_ATOMS: atom_id res chain seq x y z
N ASP A 10 -2.53 -15.31 21.42
CA ASP A 10 -1.54 -15.78 20.45
C ASP A 10 -2.07 -15.54 19.03
N VAL A 11 -1.26 -14.89 18.19
CA VAL A 11 -1.72 -14.38 16.89
C VAL A 11 -1.97 -15.54 15.93
N ASN A 12 -3.01 -15.38 15.10
CA ASN A 12 -3.38 -16.44 14.17
C ASN A 12 -3.72 -15.80 12.83
N THR A 13 -3.14 -16.36 11.78
CA THR A 13 -3.32 -15.93 10.40
C THR A 13 -4.06 -16.99 9.62
N LEU A 14 -4.50 -16.63 8.40
CA LEU A 14 -5.18 -17.60 7.57
C LEU A 14 -4.26 -18.78 7.28
N THR A 15 -3.00 -18.48 7.00
CA THR A 15 -2.03 -19.54 6.72
C THR A 15 -1.82 -20.46 7.93
N ARG A 16 -1.75 -19.88 9.13
CA ARG A 16 -1.57 -20.71 10.32
C ARG A 16 -2.79 -21.57 10.58
N PHE A 17 -3.98 -20.99 10.40
CA PHE A 17 -5.20 -21.74 10.60
C PHE A 17 -5.30 -22.88 9.59
N VAL A 18 -4.98 -22.58 8.32
CA VAL A 18 -5.10 -23.58 7.27
C VAL A 18 -4.09 -24.71 7.45
N MET A 19 -2.86 -24.38 7.84
CA MET A 19 -1.88 -25.44 8.09
C MET A 19 -2.27 -26.29 9.31
N GLU A 20 -2.86 -25.66 10.33
CA GLU A 20 -3.24 -26.43 11.51
C GLU A 20 -4.41 -27.36 11.22
N GLU A 21 -5.39 -26.89 10.44
CA GLU A 21 -6.51 -27.76 10.10
C GLU A 21 -6.04 -28.90 9.21
N GLY A 22 -5.06 -28.65 8.34
CA GLY A 22 -4.53 -29.72 7.50
C GLY A 22 -3.88 -30.83 8.30
N ARG A 23 -3.16 -30.48 9.36
CA ARG A 23 -2.57 -31.49 10.25
C ARG A 23 -3.65 -32.40 10.83
N LYS A 24 -4.75 -31.81 11.28
CA LYS A 24 -5.86 -32.56 11.87
C LYS A 24 -6.58 -33.43 10.84
N ALA A 25 -6.58 -33.06 9.57
CA ALA A 25 -7.25 -33.88 8.57
C ALA A 25 -6.44 -35.08 8.08
N ARG A 26 -5.14 -35.13 8.37
CA ARG A 26 -4.28 -36.24 8.00
C ARG A 26 -4.33 -36.52 6.49
N GLY A 27 -4.34 -35.46 5.68
CA GLY A 27 -4.42 -35.59 4.24
C GLY A 27 -3.10 -35.42 3.50
N THR A 28 -3.23 -35.31 2.18
CA THR A 28 -2.09 -35.11 1.29
C THR A 28 -1.48 -33.72 1.41
N GLY A 29 -2.23 -32.75 1.96
CA GLY A 29 -1.84 -31.36 1.96
C GLY A 29 -2.40 -30.53 0.81
N GLU A 30 -3.17 -31.13 -0.10
CA GLU A 30 -3.66 -30.40 -1.27
C GLU A 30 -4.59 -29.26 -0.88
N LEU A 31 -5.60 -29.54 -0.06
CA LEU A 31 -6.56 -28.50 0.30
C LEU A 31 -5.88 -27.30 0.97
N THR A 32 -4.73 -27.52 1.62
CA THR A 32 -3.97 -26.41 2.21
C THR A 32 -3.32 -25.54 1.14
N GLN A 33 -2.66 -26.14 0.15
CA GLN A 33 -2.15 -25.33 -0.97
C GLN A 33 -3.30 -24.65 -1.70
N LEU A 34 -4.44 -25.35 -1.82
CA LEU A 34 -5.61 -24.79 -2.50
C LEU A 34 -6.06 -23.52 -1.81
N LEU A 35 -6.33 -23.60 -0.50
CA LEU A 35 -6.83 -22.44 0.22
C LEU A 35 -5.78 -21.34 0.28
N ASN A 36 -4.50 -21.69 0.33
CA ASN A 36 -3.46 -20.67 0.29
C ASN A 36 -3.36 -20.02 -1.09
N SER A 37 -3.45 -20.80 -2.17
CA SER A 37 -3.41 -20.19 -3.50
C SER A 37 -4.61 -19.28 -3.72
N LEU A 38 -5.80 -19.74 -3.33
CA LEU A 38 -7.00 -18.94 -3.52
C LEU A 38 -6.92 -17.65 -2.72
N CYS A 39 -6.39 -17.73 -1.49
CA CYS A 39 -6.27 -16.54 -0.66
C CYS A 39 -5.32 -15.53 -1.31
N THR A 40 -4.27 -16.01 -1.96
CA THR A 40 -3.40 -15.13 -2.73
C THR A 40 -4.16 -14.46 -3.89
N ALA A 41 -5.01 -15.20 -4.59
CA ALA A 41 -5.81 -14.57 -5.64
C ALA A 41 -6.72 -13.47 -5.05
N VAL A 42 -7.29 -13.72 -3.87
CA VAL A 42 -8.16 -12.73 -3.24
C VAL A 42 -7.38 -11.46 -2.88
N LYS A 43 -6.11 -11.59 -2.50
CA LYS A 43 -5.34 -10.38 -2.24
C LYS A 43 -5.15 -9.57 -3.52
N ALA A 44 -4.89 -10.24 -4.64
CA ALA A 44 -4.72 -9.52 -5.91
C ALA A 44 -6.04 -8.91 -6.39
N ILE A 45 -7.15 -9.64 -6.27
CA ILE A 45 -8.44 -9.05 -6.61
C ILE A 45 -8.69 -7.80 -5.78
N SER A 46 -8.49 -7.90 -4.47
CA SER A 46 -8.73 -6.77 -3.58
C SER A 46 -7.92 -5.55 -4.00
N SER A 47 -6.65 -5.76 -4.34
CA SER A 47 -5.81 -4.66 -4.79
C SER A 47 -6.38 -4.00 -6.05
N ALA A 48 -6.86 -4.80 -7.02
CA ALA A 48 -7.38 -4.20 -8.25
C ALA A 48 -8.69 -3.47 -7.99
N VAL A 49 -9.53 -4.03 -7.12
CA VAL A 49 -10.84 -3.45 -6.84
C VAL A 49 -10.71 -2.08 -6.19
N ARG A 50 -9.76 -1.93 -5.24
CA ARG A 50 -9.47 -0.64 -4.59
C ARG A 50 -8.69 0.34 -5.53
N LYS A 51 -8.49 -0.08 -6.78
CA LYS A 51 -7.99 0.77 -7.87
C LYS A 51 -6.51 1.13 -7.72
N ALA A 52 -5.67 0.16 -7.33
CA ALA A 52 -4.23 0.40 -7.40
C ALA A 52 -3.79 0.49 -8.85
N GLY A 53 -2.96 1.50 -9.14
CA GLY A 53 -2.46 1.68 -10.49
C GLY A 53 -3.41 2.37 -11.42
N ILE A 54 -4.58 2.83 -10.92
CA ILE A 54 -5.55 3.49 -11.79
C ILE A 54 -4.99 4.79 -12.36
N ALA A 55 -4.03 5.42 -11.67
CA ALA A 55 -3.41 6.62 -12.23
C ALA A 55 -2.73 6.33 -13.56
N HIS A 56 -2.33 5.08 -13.80
CA HIS A 56 -1.69 4.73 -15.07
C HIS A 56 -2.70 4.61 -16.20
N LEU A 57 -3.93 4.18 -15.89
CA LEU A 57 -4.97 4.18 -16.91
C LEU A 57 -5.37 5.60 -17.32
N TYR A 58 -5.13 6.61 -16.50
CA TYR A 58 -5.58 7.96 -16.78
C TYR A 58 -4.44 8.92 -17.11
N GLY A 59 -3.26 8.40 -17.44
CA GLY A 59 -2.22 9.17 -18.10
C GLY A 59 -1.13 9.79 -17.25
N ILE A 60 -0.89 9.31 -16.03
CA ILE A 60 0.16 9.84 -15.18
C ILE A 60 1.53 9.77 -15.86
N ALA A 61 1.76 8.75 -16.68
CA ALA A 61 2.99 8.59 -17.43
C ALA A 61 2.77 8.80 -18.93
N GLY A 62 1.65 9.37 -19.34
CA GLY A 62 1.34 9.58 -20.75
C GLY A 62 0.23 8.70 -21.32
N LYS A 72 -8.22 -4.39 -19.44
CA LYS A 72 -8.89 -5.60 -18.95
C LYS A 72 -9.90 -5.33 -17.82
N LYS A 73 -11.17 -5.64 -18.05
CA LYS A 73 -12.22 -5.53 -17.04
C LYS A 73 -11.87 -6.27 -15.74
N LEU A 74 -12.49 -5.87 -14.64
CA LEU A 74 -12.13 -6.44 -13.34
C LEU A 74 -12.61 -7.88 -13.19
N ASP A 75 -13.77 -8.22 -13.72
CA ASP A 75 -14.25 -9.58 -13.55
C ASP A 75 -13.56 -10.54 -14.51
N VAL A 76 -13.00 -10.04 -15.60
CA VAL A 76 -12.10 -10.88 -16.38
C VAL A 76 -10.77 -11.01 -15.66
N LEU A 77 -10.27 -9.91 -15.08
CA LEU A 77 -9.03 -10.01 -14.32
C LEU A 77 -9.19 -10.92 -13.11
N SER A 78 -10.32 -10.80 -12.39
CA SER A 78 -10.55 -11.61 -11.21
C SER A 78 -10.59 -13.09 -11.56
N ASN A 79 -11.33 -13.42 -12.63
CA ASN A 79 -11.47 -14.80 -13.04
C ASN A 79 -10.11 -15.40 -13.41
N ASP A 80 -9.24 -14.62 -14.05
CA ASP A 80 -7.93 -15.13 -14.42
C ASP A 80 -7.06 -15.36 -13.19
N LEU A 81 -7.14 -14.46 -12.21
CA LEU A 81 -6.37 -14.61 -10.98
C LEU A 81 -6.74 -15.89 -10.27
N VAL A 82 -8.05 -16.10 -10.08
CA VAL A 82 -8.52 -17.30 -9.39
C VAL A 82 -8.16 -18.54 -10.20
N MET A 83 -8.43 -18.51 -11.50
CA MET A 83 -8.12 -19.66 -12.37
C MET A 83 -6.65 -20.01 -12.30
N ASN A 84 -5.78 -19.01 -12.54
CA ASN A 84 -4.36 -19.33 -12.64
C ASN A 84 -3.83 -19.79 -11.29
N MET A 85 -4.30 -19.15 -10.21
CA MET A 85 -3.85 -19.54 -8.87
C MET A 85 -4.34 -20.94 -8.50
N LEU A 86 -5.58 -21.30 -8.85
CA LEU A 86 -6.08 -22.63 -8.52
C LEU A 86 -5.39 -23.72 -9.33
N LYS A 87 -5.32 -23.56 -10.66
CA LYS A 87 -4.60 -24.52 -11.49
C LYS A 87 -3.19 -24.77 -10.96
N SER A 88 -2.44 -23.70 -10.71
CA SER A 88 -1.06 -23.82 -10.29
C SER A 88 -0.91 -24.28 -8.85
N SER A 89 -2.02 -24.58 -8.15
CA SER A 89 -1.92 -25.17 -6.83
C SER A 89 -1.67 -26.67 -6.89
N PHE A 90 -1.85 -27.29 -8.06
CA PHE A 90 -1.72 -28.74 -8.24
C PHE A 90 -2.68 -29.49 -7.33
N ALA A 91 -3.80 -28.84 -6.99
CA ALA A 91 -4.77 -29.39 -6.06
C ALA A 91 -6.16 -29.51 -6.65
N THR A 92 -6.36 -29.18 -7.93
CA THR A 92 -7.69 -29.19 -8.52
C THR A 92 -7.70 -30.02 -9.81
N CYS A 93 -8.90 -30.38 -10.24
CA CYS A 93 -9.06 -31.06 -11.52
C CYS A 93 -10.19 -30.47 -12.35
N VAL A 94 -11.23 -29.98 -11.69
CA VAL A 94 -12.39 -29.38 -12.35
C VAL A 94 -12.70 -28.05 -11.69
N LEU A 95 -12.82 -27.01 -12.51
CA LEU A 95 -13.05 -25.65 -12.06
C LEU A 95 -14.27 -25.13 -12.79
N VAL A 96 -15.29 -24.74 -12.05
CA VAL A 96 -16.51 -24.15 -12.62
C VAL A 96 -16.55 -22.69 -12.19
N SER A 97 -16.68 -21.81 -13.18
CA SER A 97 -16.66 -20.37 -12.98
C SER A 97 -17.88 -19.72 -13.62
N GLU A 98 -18.44 -18.72 -12.95
CA GLU A 98 -19.54 -17.96 -13.53
C GLU A 98 -19.18 -17.41 -14.90
N GLU A 99 -17.90 -17.15 -15.14
CA GLU A 99 -17.41 -16.49 -16.34
C GLU A 99 -17.20 -17.43 -17.52
N ASP A 100 -17.36 -18.73 -17.34
CA ASP A 100 -17.03 -19.72 -18.35
C ASP A 100 -18.21 -20.65 -18.58
N LYS A 101 -18.61 -20.80 -19.84
CA LYS A 101 -19.80 -21.59 -20.15
C LYS A 101 -19.61 -23.05 -19.79
N HIS A 102 -18.40 -23.57 -19.95
CA HIS A 102 -18.11 -24.97 -19.66
C HIS A 102 -17.11 -25.10 -18.53
N ALA A 103 -17.18 -26.23 -17.84
CA ALA A 103 -16.19 -26.57 -16.82
C ALA A 103 -14.79 -26.56 -17.41
N ILE A 104 -13.83 -26.15 -16.59
CA ILE A 104 -12.42 -26.24 -16.94
C ILE A 104 -11.89 -27.55 -16.39
N ILE A 105 -11.25 -28.34 -17.24
CA ILE A 105 -10.58 -29.56 -16.82
C ILE A 105 -9.10 -29.22 -16.69
N VAL A 106 -8.59 -29.22 -15.46
CA VAL A 106 -7.17 -28.90 -15.24
C VAL A 106 -6.32 -29.92 -15.98
N GLU A 107 -5.25 -29.43 -16.63
CA GLU A 107 -4.40 -30.31 -17.43
C GLU A 107 -3.79 -31.38 -16.53
N PRO A 108 -3.45 -32.55 -17.09
CA PRO A 108 -3.10 -33.71 -16.21
C PRO A 108 -1.93 -33.46 -15.28
N GLU A 109 -0.84 -32.86 -15.74
CA GLU A 109 0.35 -32.65 -14.90
C GLU A 109 0.09 -31.67 -13.75
N LYS A 110 -1.02 -30.93 -13.76
CA LYS A 110 -1.38 -30.03 -12.68
C LYS A 110 -2.58 -30.53 -11.87
N ARG A 111 -2.99 -31.77 -12.06
CA ARG A 111 -4.22 -32.26 -11.46
C ARG A 111 -4.07 -32.58 -9.98
N GLY A 112 -5.15 -32.29 -9.24
CA GLY A 112 -5.28 -32.69 -7.85
C GLY A 112 -6.73 -33.08 -7.65
N LYS A 113 -7.10 -33.38 -6.42
CA LYS A 113 -8.33 -34.13 -6.22
C LYS A 113 -9.56 -33.27 -5.90
N TYR A 114 -9.49 -31.96 -6.04
CA TYR A 114 -10.60 -31.12 -5.57
C TYR A 114 -11.26 -30.36 -6.72
N VAL A 115 -12.56 -30.09 -6.54
CA VAL A 115 -13.37 -29.38 -7.51
C VAL A 115 -13.82 -28.07 -6.86
N VAL A 116 -13.69 -26.97 -7.61
CA VAL A 116 -13.94 -25.63 -7.08
C VAL A 116 -14.93 -24.89 -7.96
N CYS A 117 -16.03 -24.43 -7.35
CA CYS A 117 -17.01 -23.59 -8.01
C CYS A 117 -16.93 -22.20 -7.39
N PHE A 118 -16.83 -21.17 -8.23
CA PHE A 118 -16.64 -19.84 -7.70
C PHE A 118 -17.24 -18.76 -8.60
N ASP A 119 -17.70 -17.69 -7.98
CA ASP A 119 -18.05 -16.48 -8.70
C ASP A 119 -16.96 -15.45 -8.46
N PRO A 120 -16.10 -15.18 -9.46
CA PRO A 120 -14.85 -14.45 -9.18
C PRO A 120 -15.05 -13.02 -8.76
N LEU A 121 -16.14 -12.36 -9.18
CA LEU A 121 -16.39 -10.99 -8.73
C LEU A 121 -17.89 -10.76 -8.71
N ASP A 122 -18.57 -11.37 -7.74
CA ASP A 122 -20.00 -11.18 -7.65
C ASP A 122 -20.38 -9.74 -7.29
N GLY A 123 -21.35 -9.21 -8.01
CA GLY A 123 -21.82 -7.85 -7.83
C GLY A 123 -21.29 -6.86 -8.84
N SER A 124 -20.39 -7.28 -9.74
CA SER A 124 -19.67 -6.33 -10.59
C SER A 124 -20.57 -5.68 -11.61
N SER A 125 -21.81 -6.15 -11.76
CA SER A 125 -22.75 -5.43 -12.59
C SER A 125 -22.96 -4.01 -12.06
N ASN A 126 -22.87 -3.83 -10.75
CA ASN A 126 -23.02 -2.53 -10.12
C ASN A 126 -21.72 -2.02 -9.50
N ILE A 127 -20.56 -2.52 -9.94
CA ILE A 127 -19.31 -2.05 -9.36
C ILE A 127 -18.94 -0.65 -9.83
N ASP A 128 -19.64 -0.12 -10.83
CA ASP A 128 -19.40 1.25 -11.31
C ASP A 128 -19.77 2.31 -10.28
N CYS A 129 -20.64 1.99 -9.32
CA CYS A 129 -21.02 2.89 -8.25
C CYS A 129 -20.24 2.63 -6.96
N LEU A 130 -19.22 1.76 -7.00
CA LEU A 130 -18.38 1.46 -5.85
C LEU A 130 -19.15 0.78 -4.74
N VAL A 131 -20.21 0.04 -5.10
CA VAL A 131 -20.88 -0.83 -4.15
C VAL A 131 -19.93 -1.96 -3.75
N SER A 132 -20.13 -2.50 -2.55
CA SER A 132 -19.41 -3.70 -2.13
C SER A 132 -19.58 -4.84 -3.15
N VAL A 133 -18.48 -5.52 -3.43
CA VAL A 133 -18.48 -6.71 -4.28
C VAL A 133 -17.71 -7.82 -3.56
N GLY A 134 -17.71 -9.01 -4.16
CA GLY A 134 -17.12 -10.16 -3.51
C GLY A 134 -16.73 -11.26 -4.47
N THR A 135 -16.03 -12.23 -3.90
CA THR A 135 -15.67 -13.52 -4.50
C THR A 135 -16.31 -14.60 -3.64
N ILE A 136 -16.96 -15.57 -4.29
CA ILE A 136 -17.64 -16.68 -3.61
C ILE A 136 -17.02 -17.99 -4.12
N PHE A 137 -16.89 -18.98 -3.23
CA PHE A 137 -16.26 -20.25 -3.59
C PHE A 137 -16.81 -21.41 -2.76
N GLY A 138 -16.87 -22.60 -3.40
CA GLY A 138 -17.21 -23.86 -2.76
C GLY A 138 -16.34 -25.00 -3.27
N ILE A 139 -15.89 -25.89 -2.38
CA ILE A 139 -14.87 -26.89 -2.70
C ILE A 139 -15.44 -28.27 -2.44
N TYR A 140 -15.32 -29.17 -3.42
CA TYR A 140 -15.70 -30.57 -3.24
C TYR A 140 -14.50 -31.49 -3.45
N ARG A 141 -14.57 -32.66 -2.84
CA ARG A 141 -13.59 -33.68 -3.15
C ARG A 141 -14.07 -34.43 -4.38
N LYS A 142 -13.16 -34.67 -5.32
CA LYS A 142 -13.51 -35.37 -6.56
C LYS A 142 -14.11 -36.72 -6.24
N LYS A 143 -15.31 -36.96 -6.77
CA LYS A 143 -16.01 -38.21 -6.51
C LYS A 143 -15.94 -39.12 -7.73
N SER A 144 -14.72 -39.53 -8.09
CA SER A 144 -14.47 -40.39 -9.22
C SER A 144 -13.01 -40.84 -9.18
N THR A 145 -12.70 -41.88 -9.97
CA THR A 145 -11.33 -42.31 -10.22
C THR A 145 -10.96 -42.14 -11.68
N ASP A 146 -11.95 -42.12 -12.57
CA ASP A 146 -11.78 -41.96 -14.00
C ASP A 146 -11.16 -40.62 -14.38
N GLU A 147 -11.10 -40.35 -15.66
CA GLU A 147 -10.79 -39.00 -16.12
C GLU A 147 -11.77 -38.02 -15.48
N PRO A 148 -11.30 -36.91 -14.91
CA PRO A 148 -12.21 -35.94 -14.30
C PRO A 148 -13.10 -35.26 -15.33
N SER A 149 -14.27 -34.82 -14.89
CA SER A 149 -15.23 -34.25 -15.83
C SER A 149 -16.21 -33.31 -15.12
N GLU A 150 -17.04 -32.65 -15.93
CA GLU A 150 -18.11 -31.79 -15.44
C GLU A 150 -18.97 -32.46 -14.38
N LYS A 151 -19.12 -33.78 -14.47
CA LYS A 151 -19.96 -34.51 -13.51
C LYS A 151 -19.45 -34.38 -12.08
N ASP A 152 -18.14 -34.16 -11.91
CA ASP A 152 -17.56 -34.06 -10.58
C ASP A 152 -18.03 -32.80 -9.83
N ALA A 153 -18.51 -31.77 -10.55
CA ALA A 153 -19.06 -30.57 -9.94
C ALA A 153 -20.56 -30.66 -9.69
N LEU A 154 -21.20 -31.73 -10.17
CA LEU A 154 -22.65 -31.91 -10.04
C LEU A 154 -23.03 -32.68 -8.78
N GLN A 155 -22.42 -32.38 -7.66
CA GLN A 155 -22.73 -32.82 -6.32
C GLN A 155 -23.62 -31.81 -5.61
N PRO A 156 -24.44 -32.23 -4.65
CA PRO A 156 -25.18 -31.26 -3.84
C PRO A 156 -24.27 -30.64 -2.80
N GLY A 157 -24.74 -29.52 -2.25
CA GLY A 157 -23.96 -28.78 -1.28
C GLY A 157 -23.49 -29.61 -0.09
N ARG A 158 -24.29 -30.59 0.33
CA ARG A 158 -23.97 -31.38 1.52
C ARG A 158 -22.60 -32.04 1.41
N ASN A 159 -22.12 -32.29 0.20
CA ASN A 159 -20.79 -32.88 -0.01
C ASN A 159 -19.66 -31.87 0.11
N LEU A 160 -19.98 -30.58 0.31
CA LEU A 160 -18.96 -29.54 0.35
C LEU A 160 -17.96 -29.81 1.47
N VAL A 161 -16.69 -29.73 1.13
CA VAL A 161 -15.62 -29.84 2.09
C VAL A 161 -15.23 -28.48 2.69
N ALA A 162 -15.34 -27.40 1.93
CA ALA A 162 -15.02 -26.08 2.42
C ALA A 162 -15.66 -25.07 1.49
N ALA A 163 -16.18 -23.97 2.05
CA ALA A 163 -16.85 -22.94 1.26
C ALA A 163 -16.81 -21.62 2.02
N GLY A 164 -16.97 -20.52 1.29
CA GLY A 164 -16.97 -19.20 1.88
C GLY A 164 -16.83 -18.12 0.82
N TYR A 165 -16.51 -16.91 1.29
CA TYR A 165 -16.43 -15.74 0.41
C TYR A 165 -15.43 -14.72 0.94
N ALA A 166 -14.97 -13.85 0.04
CA ALA A 166 -14.26 -12.64 0.43
C ALA A 166 -15.14 -11.42 0.13
N LEU A 167 -15.35 -10.59 1.12
CA LEU A 167 -16.12 -9.38 0.93
C LEU A 167 -15.10 -8.27 0.73
N TYR A 168 -15.20 -7.54 -0.40
CA TYR A 168 -14.38 -6.34 -0.64
C TYR A 168 -15.26 -5.13 -0.31
N GLY A 169 -15.35 -4.83 0.98
CA GLY A 169 -16.20 -3.76 1.45
C GLY A 169 -15.42 -2.56 1.96
N SER A 170 -15.88 -2.01 3.09
CA SER A 170 -15.13 -0.94 3.73
C SER A 170 -13.74 -1.43 4.15
N ALA A 171 -13.61 -2.72 4.44
CA ALA A 171 -12.32 -3.42 4.44
C ALA A 171 -12.54 -4.77 3.76
N THR A 172 -11.48 -5.55 3.58
CA THR A 172 -11.57 -6.83 2.89
C THR A 172 -11.53 -7.96 3.93
N MET A 173 -12.55 -8.83 3.90
CA MET A 173 -12.65 -9.94 4.84
C MET A 173 -12.88 -11.25 4.11
N LEU A 174 -12.15 -12.29 4.51
CA LEU A 174 -12.38 -13.65 4.02
C LEU A 174 -13.13 -14.45 5.07
N VAL A 175 -14.23 -15.07 4.67
CA VAL A 175 -15.05 -15.87 5.56
C VAL A 175 -14.93 -17.32 5.13
N LEU A 176 -14.39 -18.17 5.99
CA LEU A 176 -14.04 -19.54 5.62
C LEU A 176 -14.87 -20.50 6.47
N ALA A 177 -15.68 -21.34 5.81
CA ALA A 177 -16.54 -22.29 6.49
C ALA A 177 -16.09 -23.72 6.19
N MET A 178 -15.95 -24.52 7.23
CA MET A 178 -15.56 -25.91 7.12
C MET A 178 -16.34 -26.70 8.16
N ASP A 179 -15.98 -27.99 8.34
CA ASP A 179 -16.64 -28.78 9.38
C ASP A 179 -16.42 -28.18 10.77
N CYS A 180 -15.26 -27.57 11.01
CA CYS A 180 -14.99 -27.00 12.32
C CYS A 180 -15.76 -25.71 12.59
N GLY A 181 -16.47 -25.16 11.60
CA GLY A 181 -17.28 -23.97 11.78
C GLY A 181 -16.82 -22.82 10.90
N VAL A 182 -17.35 -21.64 11.19
CA VAL A 182 -17.11 -20.46 10.35
C VAL A 182 -16.07 -19.58 11.02
N ASN A 183 -15.06 -19.17 10.26
CA ASN A 183 -14.00 -18.31 10.76
C ASN A 183 -13.76 -17.11 9.86
N CYS A 184 -13.56 -15.95 10.48
CA CYS A 184 -13.48 -14.69 9.76
C CYS A 184 -12.07 -14.12 9.84
N PHE A 185 -11.53 -13.77 8.68
CA PHE A 185 -10.18 -13.25 8.58
C PHE A 185 -10.21 -11.86 7.95
N MET A 186 -9.52 -10.90 8.57
CA MET A 186 -9.44 -9.54 8.07
C MET A 186 -8.12 -9.37 7.33
N LEU A 187 -8.18 -8.78 6.14
CA LEU A 187 -6.98 -8.54 5.37
C LEU A 187 -6.32 -7.26 5.85
N ASP A 188 -5.10 -7.35 6.36
CA ASP A 188 -4.28 -6.19 6.71
C ASP A 188 -3.48 -5.75 5.50
N PRO A 189 -3.88 -4.67 4.83
CA PRO A 189 -3.17 -4.27 3.60
C PRO A 189 -1.70 -3.90 3.83
N ALA A 190 -1.31 -3.50 5.04
CA ALA A 190 0.07 -3.10 5.27
C ALA A 190 1.05 -4.25 5.06
N ILE A 191 0.62 -5.48 5.32
CA ILE A 191 1.49 -6.64 5.23
C ILE A 191 0.88 -7.74 4.39
N GLY A 192 -0.31 -7.54 3.81
CA GLY A 192 -0.94 -8.56 3.01
C GLY A 192 -1.16 -9.87 3.74
N GLU A 193 -1.86 -9.84 4.89
CA GLU A 193 -2.09 -11.01 5.74
C GLU A 193 -3.54 -11.03 6.20
N PHE A 194 -4.15 -12.19 6.14
CA PHE A 194 -5.49 -12.37 6.68
C PHE A 194 -5.37 -12.73 8.15
N ILE A 195 -5.89 -11.87 9.01
CA ILE A 195 -5.80 -12.02 10.45
C ILE A 195 -7.13 -12.56 10.95
N LEU A 196 -7.09 -13.65 11.70
CA LEU A 196 -8.30 -14.23 12.27
C LEU A 196 -8.84 -13.29 13.34
N VAL A 197 -10.09 -12.84 13.18
CA VAL A 197 -10.63 -11.80 14.05
C VAL A 197 -11.96 -12.24 14.65
N ASP A 198 -12.49 -13.37 14.17
CA ASP A 198 -13.75 -13.91 14.70
C ASP A 198 -13.69 -15.43 14.60
N LYS A 199 -13.56 -16.10 15.74
CA LYS A 199 -13.43 -17.56 15.77
C LYS A 199 -14.80 -18.20 15.97
N ASP A 200 -15.10 -19.21 15.14
CA ASP A 200 -16.26 -20.11 15.30
C ASP A 200 -17.57 -19.33 15.40
N VAL A 201 -17.90 -18.67 14.31
CA VAL A 201 -18.99 -17.69 14.32
C VAL A 201 -20.35 -18.37 14.27
N LYS A 202 -21.32 -17.76 14.95
CA LYS A 202 -22.70 -18.24 14.96
C LYS A 202 -23.64 -17.06 14.75
N ILE A 203 -24.69 -17.28 13.99
CA ILE A 203 -25.65 -16.23 13.66
C ILE A 203 -26.68 -16.13 14.77
N LYS A 204 -27.16 -14.90 15.02
CA LYS A 204 -28.23 -14.68 15.99
C LYS A 204 -29.41 -15.59 15.67
N LYS A 205 -30.14 -15.98 16.71
CA LYS A 205 -31.31 -16.83 16.50
C LYS A 205 -32.40 -16.10 15.71
N LYS A 206 -32.59 -14.80 15.94
CA LYS A 206 -33.62 -14.05 15.23
C LYS A 206 -33.21 -12.59 15.11
N GLY A 207 -33.40 -12.03 13.91
CA GLY A 207 -32.98 -10.68 13.60
C GLY A 207 -34.13 -9.71 13.38
N LYS A 208 -33.77 -8.47 13.03
CA LYS A 208 -34.74 -7.41 12.83
C LYS A 208 -34.58 -6.75 11.46
N ILE A 209 -33.99 -7.46 10.49
CA ILE A 209 -33.76 -6.93 9.14
C ILE A 209 -34.15 -8.00 8.14
N TYR A 210 -34.84 -7.60 7.09
CA TYR A 210 -35.19 -8.47 5.97
C TYR A 210 -34.60 -7.85 4.71
N SER A 211 -34.24 -8.69 3.74
CA SER A 211 -33.43 -8.22 2.61
C SER A 211 -33.86 -8.90 1.31
N LEU A 212 -34.44 -8.11 0.40
CA LEU A 212 -34.71 -8.57 -0.96
C LEU A 212 -35.07 -7.36 -1.82
N ASN A 213 -35.08 -7.57 -3.12
CA ASN A 213 -35.44 -6.55 -4.11
C ASN A 213 -36.97 -6.48 -4.25
N GLU A 214 -37.57 -5.41 -3.71
CA GLU A 214 -39.01 -5.23 -3.77
C GLU A 214 -39.51 -4.56 -5.03
N GLY A 215 -38.62 -4.15 -5.94
CA GLY A 215 -39.06 -3.71 -7.24
C GLY A 215 -39.68 -4.81 -8.07
N TYR A 216 -39.40 -6.07 -7.73
CA TYR A 216 -40.05 -7.23 -8.31
C TYR A 216 -41.36 -7.62 -7.60
N ALA A 217 -42.03 -6.67 -6.92
CA ALA A 217 -43.13 -7.05 -6.02
C ALA A 217 -44.35 -7.60 -6.77
N LYS A 218 -44.63 -7.07 -7.96
CA LYS A 218 -45.80 -7.53 -8.71
C LYS A 218 -45.69 -8.98 -9.13
N ASP A 219 -44.49 -9.55 -9.14
CA ASP A 219 -44.28 -10.94 -9.56
C ASP A 219 -44.09 -11.92 -8.42
N PHE A 220 -44.18 -11.46 -7.17
CA PHE A 220 -43.86 -12.31 -6.03
C PHE A 220 -44.80 -13.49 -5.90
N ASP A 221 -44.23 -14.61 -5.45
CA ASP A 221 -45.00 -15.71 -4.89
C ASP A 221 -45.96 -15.16 -3.83
N PRO A 222 -47.19 -15.65 -3.77
CA PRO A 222 -48.12 -15.17 -2.73
C PRO A 222 -47.60 -15.38 -1.31
N ALA A 223 -46.71 -16.35 -1.10
CA ALA A 223 -46.12 -16.57 0.21
C ALA A 223 -45.09 -15.50 0.54
N VAL A 224 -44.29 -15.11 -0.43
CA VAL A 224 -43.33 -14.03 -0.23
C VAL A 224 -44.05 -12.73 0.10
N THR A 225 -45.12 -12.43 -0.66
CA THR A 225 -45.91 -11.22 -0.44
C THR A 225 -46.47 -11.14 0.98
N GLU A 226 -46.85 -12.29 1.55
CA GLU A 226 -47.36 -12.30 2.92
C GLU A 226 -46.24 -12.16 3.94
N TYR A 227 -45.11 -12.83 3.72
CA TYR A 227 -44.02 -12.77 4.70
C TYR A 227 -43.48 -11.34 4.81
N ILE A 228 -43.27 -10.66 3.68
CA ILE A 228 -42.82 -9.27 3.71
C ILE A 228 -43.87 -8.39 4.39
N GLN A 229 -45.15 -8.64 4.08
CA GLN A 229 -46.25 -7.97 4.76
C GLN A 229 -46.18 -8.19 6.28
N ARG A 230 -45.83 -9.40 6.71
CA ARG A 230 -45.69 -9.66 8.14
C ARG A 230 -44.53 -8.88 8.74
N LYS A 231 -43.52 -8.56 7.93
CA LYS A 231 -42.37 -7.83 8.44
C LYS A 231 -42.66 -6.35 8.55
N LYS A 232 -43.37 -5.79 7.58
CA LYS A 232 -43.74 -4.38 7.65
C LYS A 232 -44.86 -4.15 8.66
N PHE A 233 -45.83 -5.06 8.75
CA PHE A 233 -46.99 -4.92 9.61
C PHE A 233 -47.08 -6.13 10.52
N PRO A 234 -46.44 -6.09 11.68
CA PRO A 234 -46.40 -7.27 12.55
C PRO A 234 -47.75 -7.50 13.19
N PRO A 235 -48.22 -8.75 13.23
CA PRO A 235 -49.48 -9.04 13.92
C PRO A 235 -49.44 -8.79 15.43
N ASP A 236 -48.44 -9.35 16.11
CA ASP A 236 -48.42 -9.33 17.56
C ASP A 236 -47.88 -8.01 18.10
N ASN A 237 -48.19 -6.91 17.42
CA ASN A 237 -47.98 -5.56 17.94
C ASN A 237 -46.50 -5.27 18.21
N SER A 238 -45.59 -6.05 17.64
CA SER A 238 -44.16 -5.84 17.82
C SER A 238 -43.67 -4.81 16.81
N ALA A 239 -42.39 -4.45 16.91
CA ALA A 239 -41.90 -3.47 15.94
C ALA A 239 -41.64 -4.13 14.58
N PRO A 240 -41.89 -3.42 13.49
CA PRO A 240 -41.56 -3.96 12.16
C PRO A 240 -40.05 -4.05 11.93
N TYR A 241 -39.69 -4.94 11.02
CA TYR A 241 -38.28 -5.12 10.66
C TYR A 241 -37.77 -3.97 9.80
N GLY A 242 -36.47 -3.70 9.93
CA GLY A 242 -35.81 -2.81 8.98
C GLY A 242 -35.47 -3.50 7.66
N ALA A 243 -35.40 -2.69 6.60
CA ALA A 243 -35.08 -3.19 5.27
C ALA A 243 -33.69 -2.74 4.83
N ARG A 244 -32.94 -3.66 4.24
CA ARG A 244 -31.64 -3.40 3.62
C ARG A 244 -31.51 -4.28 2.39
N TYR A 245 -31.09 -3.71 1.27
CA TYR A 245 -30.81 -4.53 0.10
C TYR A 245 -29.74 -3.81 -0.71
N VAL A 246 -28.51 -4.30 -0.59
CA VAL A 246 -27.39 -3.71 -1.28
C VAL A 246 -27.39 -4.06 -2.78
N GLY A 247 -27.96 -5.19 -3.15
CA GLY A 247 -27.91 -5.62 -4.54
C GLY A 247 -26.68 -6.41 -4.89
N SER A 248 -25.83 -6.70 -3.91
CA SER A 248 -24.62 -7.50 -4.08
C SER A 248 -24.67 -8.61 -3.04
N MET A 249 -24.75 -9.86 -3.51
CA MET A 249 -25.07 -10.97 -2.62
C MET A 249 -24.10 -11.08 -1.45
N VAL A 250 -22.79 -10.94 -1.71
CA VAL A 250 -21.85 -11.11 -0.62
C VAL A 250 -22.09 -10.09 0.49
N ALA A 251 -22.36 -8.83 0.11
CA ALA A 251 -22.62 -7.79 1.12
C ALA A 251 -23.89 -8.10 1.93
N ASP A 252 -25.00 -8.46 1.26
CA ASP A 252 -26.24 -8.75 1.97
C ASP A 252 -26.13 -10.00 2.83
N VAL A 253 -25.50 -11.06 2.33
CA VAL A 253 -25.36 -12.27 3.13
C VAL A 253 -24.48 -12.00 4.34
N HIS A 254 -23.40 -11.24 4.16
CA HIS A 254 -22.52 -10.96 5.28
C HIS A 254 -23.21 -10.12 6.35
N ARG A 255 -23.95 -9.10 5.93
CA ARG A 255 -24.75 -8.35 6.90
C ARG A 255 -25.71 -9.29 7.64
N THR A 256 -26.26 -10.27 6.93
CA THR A 256 -27.15 -11.23 7.57
C THR A 256 -26.41 -12.11 8.58
N LEU A 257 -25.15 -12.44 8.31
CA LEU A 257 -24.35 -13.24 9.26
C LEU A 257 -23.98 -12.43 10.50
N VAL A 258 -23.60 -11.17 10.32
CA VAL A 258 -23.10 -10.37 11.43
C VAL A 258 -24.24 -9.92 12.33
N TYR A 259 -25.38 -9.51 11.76
CA TYR A 259 -26.46 -8.94 12.53
C TYR A 259 -27.68 -9.84 12.66
N GLY A 260 -27.70 -10.98 11.97
CA GLY A 260 -28.91 -11.78 11.94
C GLY A 260 -29.90 -11.17 10.97
N GLY A 261 -31.01 -11.87 10.78
CA GLY A 261 -32.03 -11.42 9.87
C GLY A 261 -32.26 -12.43 8.76
N ILE A 262 -32.83 -12.00 7.63
CA ILE A 262 -33.21 -12.90 6.56
C ILE A 262 -32.86 -12.27 5.21
N PHE A 263 -32.45 -13.12 4.26
CA PHE A 263 -32.11 -12.70 2.90
C PHE A 263 -32.93 -13.55 1.94
N LEU A 264 -33.46 -12.91 0.90
CA LEU A 264 -34.37 -13.58 -0.03
C LEU A 264 -34.06 -13.20 -1.46
N TYR A 265 -33.91 -14.22 -2.30
CA TYR A 265 -33.98 -14.04 -3.74
C TYR A 265 -34.84 -15.21 -4.18
N PRO A 266 -36.15 -15.11 -4.00
CA PRO A 266 -37.00 -16.30 -3.99
C PRO A 266 -37.50 -16.63 -5.39
N ALA A 267 -38.09 -17.81 -5.49
CA ALA A 267 -38.76 -18.19 -6.72
C ALA A 267 -40.07 -17.42 -6.81
N ASN A 268 -40.28 -16.80 -7.95
CA ASN A 268 -41.56 -16.22 -8.29
C ASN A 268 -42.14 -17.05 -9.43
N LYS A 269 -43.14 -16.54 -10.13
CA LYS A 269 -43.63 -17.36 -11.22
C LYS A 269 -42.81 -17.15 -12.49
N LYS A 270 -42.46 -15.89 -12.78
CA LYS A 270 -41.70 -15.56 -13.98
C LYS A 270 -40.27 -16.08 -13.91
N SER A 271 -39.79 -16.51 -12.74
CA SER A 271 -38.50 -17.19 -12.60
C SER A 271 -38.71 -18.31 -11.61
N PRO A 272 -39.19 -19.46 -12.09
CA PRO A 272 -39.53 -20.57 -11.17
C PRO A 272 -38.33 -21.17 -10.44
N ASN A 273 -37.11 -20.88 -10.87
CA ASN A 273 -35.89 -21.38 -10.23
C ASN A 273 -35.07 -20.26 -9.61
N GLY A 274 -35.71 -19.15 -9.26
CA GLY A 274 -34.97 -18.02 -8.77
C GLY A 274 -34.07 -17.49 -9.86
N LYS A 275 -33.07 -16.70 -9.44
CA LYS A 275 -32.17 -16.08 -10.39
C LYS A 275 -30.70 -16.32 -10.04
N LEU A 276 -30.40 -16.52 -8.75
CA LEU A 276 -29.03 -16.80 -8.33
C LEU A 276 -28.58 -18.19 -8.74
N ARG A 277 -27.32 -18.29 -9.14
CA ARG A 277 -26.76 -19.56 -9.57
C ARG A 277 -26.49 -20.47 -8.37
N LEU A 278 -26.73 -21.78 -8.56
CA LEU A 278 -26.71 -22.71 -7.44
C LEU A 278 -25.29 -23.08 -7.01
N LEU A 279 -24.43 -23.42 -7.97
CA LEU A 279 -23.15 -24.06 -7.61
C LEU A 279 -22.19 -23.08 -6.95
N TYR A 280 -22.18 -21.83 -7.40
CA TYR A 280 -21.19 -20.86 -6.93
C TYR A 280 -21.83 -19.62 -6.35
N GLU A 281 -23.10 -19.70 -5.93
CA GLU A 281 -23.68 -18.63 -5.13
C GLU A 281 -24.55 -19.17 -4.01
N CYS A 282 -25.59 -19.93 -4.35
CA CYS A 282 -26.50 -20.42 -3.33
C CYS A 282 -25.82 -21.44 -2.42
N ASN A 283 -25.18 -22.44 -3.03
CA ASN A 283 -24.52 -23.49 -2.24
C ASN A 283 -23.42 -22.95 -1.34
N PRO A 284 -22.42 -22.21 -1.82
CA PRO A 284 -21.43 -21.68 -0.87
C PRO A 284 -22.08 -20.88 0.26
N MET A 285 -23.06 -20.02 -0.04
CA MET A 285 -23.70 -19.25 1.02
C MET A 285 -24.50 -20.14 1.97
N ALA A 286 -25.20 -21.14 1.42
CA ALA A 286 -25.94 -22.06 2.28
C ALA A 286 -25.00 -22.76 3.25
N TYR A 287 -23.81 -23.15 2.78
CA TYR A 287 -22.89 -23.88 3.64
C TYR A 287 -22.43 -23.02 4.80
N VAL A 288 -22.03 -21.78 4.50
CA VAL A 288 -21.67 -20.83 5.55
C VAL A 288 -22.81 -20.65 6.54
N MET A 289 -24.04 -20.50 6.05
CA MET A 289 -25.19 -20.32 6.94
C MET A 289 -25.39 -21.51 7.87
N GLU A 290 -25.35 -22.73 7.31
CA GLU A 290 -25.64 -23.89 8.14
C GLU A 290 -24.52 -24.13 9.14
N LYS A 291 -23.27 -24.03 8.69
CA LYS A 291 -22.16 -24.15 9.62
C LYS A 291 -22.18 -23.09 10.71
N ALA A 292 -22.93 -22.00 10.54
CA ALA A 292 -22.99 -20.94 11.51
C ALA A 292 -24.30 -20.95 12.30
N GLY A 293 -25.04 -22.05 12.24
CA GLY A 293 -26.25 -22.16 13.02
C GLY A 293 -27.48 -21.56 12.38
N GLY A 294 -27.43 -21.31 11.09
CA GLY A 294 -28.56 -20.72 10.40
C GLY A 294 -29.12 -21.68 9.40
N MET A 295 -30.01 -21.21 8.54
CA MET A 295 -30.66 -22.04 7.56
C MET A 295 -30.64 -21.36 6.20
N ALA A 296 -30.88 -22.17 5.17
CA ALA A 296 -30.99 -21.72 3.78
C ALA A 296 -31.86 -22.72 3.04
N THR A 297 -32.99 -22.25 2.49
CA THR A 297 -34.01 -23.10 1.89
C THR A 297 -34.39 -22.58 0.50
N THR A 298 -34.73 -23.50 -0.39
CA THR A 298 -35.34 -23.10 -1.67
C THR A 298 -36.83 -22.75 -1.53
N GLY A 299 -37.43 -22.99 -0.37
CA GLY A 299 -38.87 -22.96 -0.23
C GLY A 299 -39.39 -24.36 -0.03
N LYS A 300 -38.95 -25.30 -0.88
CA LYS A 300 -39.36 -26.71 -0.84
C LYS A 300 -38.36 -27.62 -0.12
N GLU A 301 -37.07 -27.42 -0.32
CA GLU A 301 -36.04 -28.23 0.33
C GLU A 301 -34.89 -27.33 0.74
N ALA A 302 -34.02 -27.86 1.59
CA ALA A 302 -32.81 -27.12 1.94
C ALA A 302 -31.89 -27.03 0.74
N VAL A 303 -31.30 -25.84 0.57
CA VAL A 303 -30.49 -25.55 -0.62
C VAL A 303 -29.39 -26.60 -0.80
N LEU A 304 -28.77 -27.01 0.31
CA LEU A 304 -27.69 -27.98 0.19
C LEU A 304 -28.17 -29.38 -0.21
N ASP A 305 -29.49 -29.65 -0.19
CA ASP A 305 -30.01 -30.96 -0.59
C ASP A 305 -30.45 -31.02 -2.04
N VAL A 306 -30.33 -29.93 -2.80
CA VAL A 306 -30.65 -29.95 -4.23
C VAL A 306 -29.51 -30.64 -4.95
N ILE A 307 -29.85 -31.57 -5.83
CA ILE A 307 -28.86 -32.27 -6.65
C ILE A 307 -28.83 -31.59 -8.01
N PRO A 308 -27.71 -31.03 -8.44
CA PRO A 308 -27.71 -30.28 -9.69
C PRO A 308 -27.60 -31.18 -10.91
N THR A 309 -28.20 -30.72 -12.00
CA THR A 309 -28.10 -31.36 -13.30
C THR A 309 -27.37 -30.50 -14.32
N ASP A 310 -27.07 -29.25 -13.98
CA ASP A 310 -26.33 -28.38 -14.88
C ASP A 310 -25.50 -27.41 -14.05
N ILE A 311 -24.27 -27.12 -14.49
CA ILE A 311 -23.36 -26.38 -13.62
C ILE A 311 -23.79 -24.93 -13.43
N HIS A 312 -24.54 -24.35 -14.38
CA HIS A 312 -25.01 -22.98 -14.27
C HIS A 312 -26.49 -22.87 -13.94
N GLN A 313 -27.09 -23.92 -13.39
CA GLN A 313 -28.51 -23.86 -13.10
C GLN A 313 -28.80 -22.90 -11.95
N ARG A 314 -30.00 -22.36 -11.93
CA ARG A 314 -30.41 -21.42 -10.90
C ARG A 314 -31.15 -22.15 -9.77
N ALA A 315 -31.39 -21.42 -8.68
CA ALA A 315 -32.09 -21.99 -7.54
C ALA A 315 -32.60 -20.84 -6.68
N PRO A 316 -33.82 -20.92 -6.13
CA PRO A 316 -34.25 -19.89 -5.19
C PRO A 316 -33.49 -20.03 -3.89
N VAL A 317 -33.36 -18.93 -3.15
CA VAL A 317 -32.63 -18.98 -1.90
C VAL A 317 -33.25 -18.01 -0.91
N ILE A 318 -33.54 -18.53 0.28
CA ILE A 318 -33.97 -17.76 1.45
C ILE A 318 -33.11 -18.25 2.60
N LEU A 319 -32.31 -17.36 3.18
CA LEU A 319 -31.34 -17.79 4.16
C LEU A 319 -31.26 -16.78 5.30
N GLY A 320 -30.69 -17.23 6.42
CA GLY A 320 -30.47 -16.34 7.54
C GLY A 320 -30.69 -16.96 8.90
N SER A 321 -31.06 -16.12 9.86
CA SER A 321 -31.26 -16.59 11.23
C SER A 321 -32.29 -17.71 11.24
N PRO A 322 -32.11 -18.73 12.08
CA PRO A 322 -32.99 -19.91 11.99
C PRO A 322 -34.47 -19.59 12.23
N ASP A 323 -34.78 -18.69 13.16
CA ASP A 323 -36.17 -18.36 13.45
C ASP A 323 -36.86 -17.70 12.26
N ASP A 324 -36.14 -16.92 11.46
CA ASP A 324 -36.75 -16.19 10.34
C ASP A 324 -37.02 -17.10 9.16
N VAL A 325 -36.14 -18.05 8.88
CA VAL A 325 -36.40 -19.01 7.81
C VAL A 325 -37.55 -19.93 8.22
N LEU A 326 -37.62 -20.32 9.49
CA LEU A 326 -38.74 -21.10 9.97
C LEU A 326 -40.04 -20.32 9.84
N GLU A 327 -40.05 -19.06 10.32
CA GLU A 327 -41.23 -18.22 10.17
C GLU A 327 -41.61 -18.06 8.70
N PHE A 328 -40.62 -18.01 7.81
CA PHE A 328 -40.93 -17.99 6.37
C PHE A 328 -41.52 -19.31 5.90
N LEU A 329 -40.96 -20.45 6.33
CA LEU A 329 -41.46 -21.72 5.83
C LEU A 329 -42.90 -21.96 6.28
N LYS A 330 -43.23 -21.56 7.52
CA LYS A 330 -44.62 -21.62 7.98
C LYS A 330 -45.56 -20.88 7.03
N VAL A 331 -45.15 -19.69 6.56
CA VAL A 331 -46.01 -19.00 5.59
C VAL A 331 -46.00 -19.74 4.25
N TYR A 332 -44.84 -20.28 3.86
CA TYR A 332 -44.73 -20.96 2.57
C TYR A 332 -45.60 -22.21 2.53
N GLU A 333 -45.66 -22.95 3.66
CA GLU A 333 -46.49 -24.14 3.77
C GLU A 333 -47.97 -23.81 3.97
N LYS A 334 -48.28 -22.68 4.62
CA LYS A 334 -49.67 -22.24 4.72
C LYS A 334 -50.29 -22.04 3.35
N HIS A 335 -49.49 -21.64 2.37
CA HIS A 335 -49.93 -21.51 0.98
C HIS A 335 -49.76 -22.82 0.22
N SER A 336 -49.71 -23.95 0.93
CA SER A 336 -49.61 -25.31 0.38
C SER A 336 -48.49 -25.48 -0.64
N ASP B 10 -5.13 14.26 -20.69
CA ASP B 10 -4.18 14.86 -19.75
C ASP B 10 -4.58 14.64 -18.27
N VAL B 11 -3.65 14.07 -17.50
CA VAL B 11 -3.93 13.60 -16.14
C VAL B 11 -4.03 14.78 -15.17
N ASN B 12 -4.94 14.67 -14.20
CA ASN B 12 -5.16 15.67 -13.18
C ASN B 12 -5.43 15.02 -11.83
N THR B 13 -4.90 15.62 -10.77
CA THR B 13 -5.09 15.13 -9.41
C THR B 13 -6.05 16.05 -8.67
N LEU B 14 -6.51 15.60 -7.49
CA LEU B 14 -7.35 16.46 -6.66
C LEU B 14 -6.58 17.68 -6.17
N THR B 15 -5.34 17.47 -5.74
CA THR B 15 -4.52 18.56 -5.19
C THR B 15 -4.19 19.60 -6.25
N ARG B 16 -3.87 19.18 -7.47
CA ARG B 16 -3.59 20.14 -8.53
C ARG B 16 -4.86 20.86 -8.98
N PHE B 17 -6.00 20.16 -9.00
CA PHE B 17 -7.27 20.77 -9.34
C PHE B 17 -7.64 21.87 -8.33
N VAL B 18 -7.49 21.55 -7.03
CA VAL B 18 -7.83 22.50 -5.98
C VAL B 18 -6.89 23.70 -6.01
N MET B 19 -5.61 23.45 -6.28
CA MET B 19 -4.62 24.52 -6.37
C MET B 19 -4.88 25.46 -7.53
N GLU B 20 -5.34 24.93 -8.67
CA GLU B 20 -5.64 25.80 -9.81
C GLU B 20 -6.90 26.62 -9.57
N GLU B 21 -7.94 26.00 -8.99
CA GLU B 21 -9.16 26.76 -8.74
C GLU B 21 -8.90 27.87 -7.71
N GLY B 22 -8.04 27.59 -6.73
CA GLY B 22 -7.65 28.62 -5.78
C GLY B 22 -6.85 29.73 -6.43
N ARG B 23 -5.97 29.37 -7.38
CA ARG B 23 -5.20 30.37 -8.12
C ARG B 23 -6.11 31.30 -8.91
N LYS B 24 -7.15 30.75 -9.55
CA LYS B 24 -8.05 31.57 -10.37
C LYS B 24 -8.88 32.52 -9.52
N ALA B 25 -9.20 32.16 -8.27
CA ALA B 25 -9.99 33.03 -7.43
C ALA B 25 -9.19 34.17 -6.82
N ARG B 26 -7.86 34.08 -6.82
CA ARG B 26 -6.99 35.14 -6.31
C ARG B 26 -7.47 35.65 -4.95
N GLY B 27 -7.84 34.70 -4.08
CA GLY B 27 -8.26 34.95 -2.71
C GLY B 27 -7.10 34.77 -1.76
N THR B 28 -7.42 34.67 -0.46
CA THR B 28 -6.36 34.51 0.52
C THR B 28 -5.65 33.17 0.39
N GLY B 29 -6.28 32.17 -0.24
CA GLY B 29 -5.76 30.81 -0.27
C GLY B 29 -6.27 29.91 0.84
N GLU B 30 -7.14 30.40 1.72
CA GLU B 30 -7.60 29.63 2.85
C GLU B 30 -8.41 28.41 2.39
N LEU B 31 -9.39 28.64 1.50
CA LEU B 31 -10.18 27.51 1.01
C LEU B 31 -9.32 26.46 0.31
N THR B 32 -8.17 26.87 -0.24
CA THR B 32 -7.27 25.91 -0.85
C THR B 32 -6.58 25.07 0.22
N GLN B 33 -6.08 25.73 1.27
CA GLN B 33 -5.48 24.99 2.39
C GLN B 33 -6.52 24.10 3.04
N LEU B 34 -7.77 24.57 3.11
CA LEU B 34 -8.86 23.81 3.71
C LEU B 34 -9.08 22.48 2.98
N LEU B 35 -9.30 22.57 1.66
CA LEU B 35 -9.60 21.39 0.88
C LEU B 35 -8.41 20.44 0.84
N ASN B 36 -7.18 20.96 0.85
CA ASN B 36 -6.02 20.09 0.92
C ASN B 36 -5.90 19.42 2.29
N SER B 37 -6.21 20.14 3.36
CA SER B 37 -6.24 19.50 4.66
C SER B 37 -7.30 18.42 4.71
N LEU B 38 -8.48 18.73 4.18
CA LEU B 38 -9.58 17.77 4.22
C LEU B 38 -9.25 16.53 3.39
N CYS B 39 -8.62 16.71 2.23
CA CYS B 39 -8.26 15.57 1.40
C CYS B 39 -7.22 14.69 2.10
N THR B 40 -6.26 15.29 2.81
CA THR B 40 -5.30 14.51 3.57
C THR B 40 -5.98 13.71 4.67
N ALA B 41 -6.93 14.33 5.39
CA ALA B 41 -7.69 13.60 6.39
C ALA B 41 -8.43 12.41 5.80
N VAL B 42 -9.02 12.57 4.61
CA VAL B 42 -9.76 11.50 3.96
C VAL B 42 -8.84 10.32 3.64
N LYS B 43 -7.62 10.61 3.19
CA LYS B 43 -6.69 9.52 2.90
C LYS B 43 -6.34 8.77 4.18
N ALA B 44 -6.17 9.50 5.29
CA ALA B 44 -5.86 8.85 6.55
C ALA B 44 -7.03 8.00 7.04
N ILE B 45 -8.25 8.55 6.98
CA ILE B 45 -9.44 7.79 7.32
C ILE B 45 -9.54 6.54 6.46
N SER B 46 -9.37 6.70 5.15
CA SER B 46 -9.48 5.57 4.24
C SER B 46 -8.55 4.43 4.63
N SER B 47 -7.29 4.75 4.95
CA SER B 47 -6.33 3.75 5.36
C SER B 47 -6.80 3.03 6.63
N ALA B 48 -7.33 3.81 7.58
CA ALA B 48 -7.78 3.24 8.83
C ALA B 48 -9.01 2.35 8.64
N VAL B 49 -9.91 2.76 7.73
CA VAL B 49 -11.16 2.04 7.46
C VAL B 49 -10.87 0.69 6.78
N ARG B 50 -9.91 0.65 5.86
CA ARG B 50 -9.44 -0.60 5.26
C ARG B 50 -8.55 -1.43 6.19
N LYS B 51 -8.42 -1.05 7.46
CA LYS B 51 -7.82 -1.88 8.53
C LYS B 51 -6.32 -2.11 8.31
N ALA B 52 -5.61 -1.06 7.91
CA ALA B 52 -4.16 -1.10 7.90
C ALA B 52 -3.63 -1.22 9.32
N GLY B 53 -2.70 -2.14 9.53
CA GLY B 53 -2.16 -2.28 10.86
C GLY B 53 -3.00 -3.07 11.82
N ILE B 54 -4.09 -3.69 11.34
CA ILE B 54 -4.92 -4.51 12.22
C ILE B 54 -4.12 -5.67 12.81
N ALA B 55 -3.08 -6.14 12.11
CA ALA B 55 -2.27 -7.23 12.65
C ALA B 55 -1.62 -6.86 13.99
N HIS B 56 -1.37 -5.56 14.23
CA HIS B 56 -0.71 -5.20 15.49
C HIS B 56 -1.67 -5.31 16.66
N LEU B 57 -2.94 -5.01 16.45
CA LEU B 57 -3.96 -5.21 17.49
C LEU B 57 -4.20 -6.68 17.83
N TYR B 58 -3.74 -7.62 16.98
CA TYR B 58 -3.96 -9.05 17.20
C TYR B 58 -2.67 -9.81 17.49
N GLY B 59 -1.63 -9.09 17.93
CA GLY B 59 -0.47 -9.69 18.59
C GLY B 59 0.72 -10.06 17.71
N ILE B 60 0.82 -9.49 16.50
CA ILE B 60 1.92 -9.83 15.60
C ILE B 60 3.29 -9.47 16.20
N ALA B 61 3.38 -8.39 16.99
CA ALA B 61 4.66 -7.95 17.56
C ALA B 61 4.77 -8.14 19.05
N GLY B 62 3.86 -8.90 19.66
CA GLY B 62 3.82 -9.09 21.10
C GLY B 62 2.63 -8.36 21.72
N LYS B 73 -14.32 2.97 17.44
CA LYS B 73 -13.15 3.84 17.54
C LYS B 73 -12.89 4.49 16.20
N LEU B 74 -13.37 3.87 15.13
CA LEU B 74 -13.13 4.38 13.78
C LEU B 74 -13.82 5.71 13.57
N ASP B 75 -15.03 5.89 14.11
CA ASP B 75 -15.71 7.16 13.99
C ASP B 75 -15.15 8.20 14.95
N VAL B 76 -14.48 7.76 16.02
CA VAL B 76 -13.78 8.69 16.88
C VAL B 76 -12.46 9.13 16.25
N LEU B 77 -11.71 8.18 15.70
CA LEU B 77 -10.44 8.50 15.04
C LEU B 77 -10.68 9.38 13.82
N SER B 78 -11.73 9.07 13.04
CA SER B 78 -12.04 9.88 11.86
C SER B 78 -12.38 11.31 12.28
N ASN B 79 -13.20 11.45 13.31
CA ASN B 79 -13.55 12.75 13.82
C ASN B 79 -12.33 13.52 14.29
N ASP B 80 -11.37 12.83 14.89
CA ASP B 80 -10.17 13.53 15.34
C ASP B 80 -9.34 13.99 14.15
N LEU B 81 -9.22 13.16 13.11
CA LEU B 81 -8.44 13.53 11.94
C LEU B 81 -8.99 14.78 11.27
N VAL B 82 -10.31 14.81 11.02
CA VAL B 82 -10.89 15.96 10.35
C VAL B 82 -10.75 17.22 11.20
N MET B 83 -11.03 17.11 12.50
CA MET B 83 -10.89 18.24 13.41
C MET B 83 -9.46 18.78 13.41
N ASN B 84 -8.46 17.92 13.63
CA ASN B 84 -7.10 18.41 13.73
C ASN B 84 -6.62 18.94 12.38
N MET B 85 -7.03 18.29 11.28
CA MET B 85 -6.62 18.74 9.96
C MET B 85 -7.28 20.07 9.60
N LEU B 86 -8.56 20.27 9.98
CA LEU B 86 -9.25 21.53 9.70
C LEU B 86 -8.70 22.68 10.56
N LYS B 87 -8.63 22.48 11.89
CA LYS B 87 -8.05 23.48 12.79
C LYS B 87 -6.67 23.95 12.30
N SER B 88 -5.78 23.01 12.00
CA SER B 88 -4.41 23.31 11.56
C SER B 88 -4.32 23.82 10.14
N SER B 89 -5.44 23.99 9.44
CA SER B 89 -5.39 24.57 8.11
C SER B 89 -5.33 26.10 8.15
N PHE B 90 -5.62 26.73 9.29
CA PHE B 90 -5.67 28.19 9.44
C PHE B 90 -6.69 28.79 8.48
N ALA B 91 -7.74 28.03 8.18
CA ALA B 91 -8.78 28.49 7.27
C ALA B 91 -10.19 28.43 7.87
N THR B 92 -10.35 28.00 9.11
CA THR B 92 -11.66 27.79 9.65
C THR B 92 -11.79 28.52 10.99
N CYS B 93 -13.03 28.79 11.39
CA CYS B 93 -13.30 29.43 12.67
C CYS B 93 -14.38 28.67 13.45
N VAL B 94 -15.30 28.01 12.76
CA VAL B 94 -16.36 27.22 13.40
C VAL B 94 -16.43 25.82 12.78
N LEU B 95 -16.48 24.80 13.64
CA LEU B 95 -16.54 23.42 13.17
C LEU B 95 -17.71 22.72 13.83
N VAL B 96 -18.63 22.22 13.01
CA VAL B 96 -19.78 21.45 13.48
C VAL B 96 -19.63 20.01 12.99
N SER B 97 -19.73 19.05 13.91
CA SER B 97 -19.52 17.64 13.65
C SER B 97 -20.69 16.83 14.17
N GLU B 98 -21.04 15.77 13.44
CA GLU B 98 -22.04 14.84 13.96
C GLU B 98 -21.68 14.32 15.35
N GLU B 99 -20.39 14.25 15.67
CA GLU B 99 -19.91 13.65 16.91
C GLU B 99 -19.91 14.59 18.11
N ASP B 100 -20.22 15.87 17.92
CA ASP B 100 -20.03 16.89 18.94
C ASP B 100 -21.34 17.60 19.21
N LYS B 101 -21.72 17.70 20.48
CA LYS B 101 -23.03 18.27 20.80
C LYS B 101 -23.10 19.75 20.47
N HIS B 102 -22.00 20.47 20.65
CA HIS B 102 -21.94 21.89 20.35
C HIS B 102 -20.91 22.15 19.26
N ALA B 103 -21.07 23.29 18.59
CA ALA B 103 -20.06 23.75 17.67
C ALA B 103 -18.70 23.82 18.36
N ILE B 104 -17.64 23.56 17.59
CA ILE B 104 -16.27 23.78 18.02
C ILE B 104 -15.81 25.11 17.45
N ILE B 105 -15.31 25.99 18.32
CA ILE B 105 -14.80 27.29 17.93
C ILE B 105 -13.28 27.18 17.86
N VAL B 106 -12.71 27.32 16.65
CA VAL B 106 -11.27 27.22 16.48
C VAL B 106 -10.54 28.29 17.28
N GLU B 107 -9.45 27.90 17.94
CA GLU B 107 -8.70 28.83 18.77
C GLU B 107 -8.22 30.01 17.93
N PRO B 108 -8.03 31.19 18.54
CA PRO B 108 -7.77 32.41 17.76
C PRO B 108 -6.55 32.32 16.86
N GLU B 109 -5.46 31.74 17.36
CA GLU B 109 -4.20 31.70 16.63
C GLU B 109 -4.32 30.92 15.33
N LYS B 110 -5.35 30.08 15.21
CA LYS B 110 -5.55 29.24 14.03
C LYS B 110 -6.80 29.61 13.24
N ARG B 111 -7.43 30.74 13.54
CA ARG B 111 -8.70 31.06 12.91
C ARG B 111 -8.51 31.50 11.46
N GLY B 112 -9.49 31.15 10.64
CA GLY B 112 -9.58 31.58 9.27
C GLY B 112 -11.06 31.82 9.03
N LYS B 113 -11.47 32.10 7.78
CA LYS B 113 -12.78 32.70 7.59
C LYS B 113 -13.85 31.68 7.19
N TYR B 114 -13.60 30.39 7.37
CA TYR B 114 -14.53 29.39 6.85
C TYR B 114 -15.17 28.57 7.96
N VAL B 115 -16.40 28.12 7.68
CA VAL B 115 -17.16 27.29 8.60
C VAL B 115 -17.40 25.97 7.90
N VAL B 116 -17.15 24.87 8.61
CA VAL B 116 -17.22 23.54 8.03
C VAL B 116 -18.15 22.70 8.88
N CYS B 117 -19.14 22.09 8.23
CA CYS B 117 -20.01 21.10 8.84
C CYS B 117 -19.67 19.75 8.23
N PHE B 118 -19.47 18.75 9.07
CA PHE B 118 -19.09 17.46 8.53
C PHE B 118 -19.62 16.34 9.41
N ASP B 119 -19.90 15.22 8.74
CA ASP B 119 -20.13 13.90 9.32
C ASP B 119 -18.89 13.08 9.03
N PRO B 120 -18.02 12.81 10.01
CA PRO B 120 -16.70 12.27 9.68
C PRO B 120 -16.73 10.85 9.17
N LEU B 121 -17.71 10.05 9.58
CA LEU B 121 -17.77 8.67 9.14
C LEU B 121 -19.25 8.24 9.13
N ASP B 122 -19.97 8.70 8.12
CA ASP B 122 -21.39 8.35 8.02
C ASP B 122 -21.57 6.86 7.72
N GLY B 123 -22.47 6.22 8.47
CA GLY B 123 -22.78 4.81 8.29
C GLY B 123 -22.07 3.85 9.24
N SER B 124 -21.15 4.34 10.07
CA SER B 124 -20.31 3.45 10.88
C SER B 124 -21.08 2.75 11.98
N SER B 125 -22.32 3.17 12.25
CA SER B 125 -23.16 2.46 13.21
C SER B 125 -23.32 0.99 12.81
N ASN B 126 -23.24 0.71 11.51
CA ASN B 126 -23.33 -0.64 10.96
C ASN B 126 -21.99 -1.13 10.40
N ILE B 127 -20.87 -0.51 10.81
CA ILE B 127 -19.57 -0.87 10.24
C ILE B 127 -19.06 -2.22 10.72
N ASP B 128 -19.75 -2.85 11.68
CA ASP B 128 -19.38 -4.22 12.04
C ASP B 128 -19.58 -5.19 10.89
N CYS B 129 -20.48 -4.89 9.94
CA CYS B 129 -20.73 -5.74 8.78
C CYS B 129 -19.98 -5.31 7.54
N LEU B 130 -19.13 -4.29 7.64
CA LEU B 130 -18.29 -3.82 6.54
C LEU B 130 -19.10 -3.22 5.41
N VAL B 131 -20.28 -2.67 5.73
CA VAL B 131 -20.99 -1.84 4.77
C VAL B 131 -20.15 -0.61 4.40
N SER B 132 -20.38 -0.08 3.19
CA SER B 132 -19.75 1.18 2.77
C SER B 132 -20.00 2.28 3.79
N VAL B 133 -18.96 3.10 4.03
CA VAL B 133 -19.05 4.27 4.88
C VAL B 133 -18.47 5.48 4.15
N GLY B 134 -18.65 6.66 4.76
CA GLY B 134 -18.27 7.88 4.08
C GLY B 134 -18.07 9.07 5.00
N THR B 135 -17.45 10.10 4.41
CA THR B 135 -17.23 11.39 5.05
C THR B 135 -17.97 12.46 4.26
N ILE B 136 -18.81 13.22 4.94
CA ILE B 136 -19.63 14.24 4.28
C ILE B 136 -19.23 15.59 4.84
N PHE B 137 -19.17 16.61 3.98
CA PHE B 137 -18.75 17.95 4.41
C PHE B 137 -19.45 19.04 3.60
N GLY B 138 -19.65 20.19 4.25
CA GLY B 138 -20.14 21.40 3.60
C GLY B 138 -19.39 22.62 4.13
N ILE B 139 -19.01 23.56 3.26
CA ILE B 139 -18.13 24.66 3.64
C ILE B 139 -18.81 26.00 3.36
N TYR B 140 -18.86 26.85 4.37
CA TYR B 140 -19.41 28.19 4.27
C TYR B 140 -18.36 29.24 4.57
N ARG B 141 -18.60 30.43 4.03
CA ARG B 141 -17.88 31.63 4.44
C ARG B 141 -18.65 32.28 5.58
N LYS B 142 -17.92 32.75 6.59
CA LYS B 142 -18.55 33.44 7.72
C LYS B 142 -19.28 34.68 7.21
N LYS B 143 -20.56 34.82 7.60
CA LYS B 143 -21.39 35.90 7.09
C LYS B 143 -21.54 37.04 8.11
N SER B 144 -20.82 36.98 9.22
CA SER B 144 -20.90 37.97 10.29
C SER B 144 -19.52 38.55 10.58
N THR B 145 -19.47 39.55 11.48
CA THR B 145 -18.21 40.11 11.97
C THR B 145 -17.93 39.87 13.44
N ASP B 146 -18.94 39.51 14.25
CA ASP B 146 -18.72 39.33 15.69
C ASP B 146 -17.72 38.21 15.97
N GLU B 147 -17.45 37.96 17.25
CA GLU B 147 -16.67 36.77 17.60
C GLU B 147 -17.38 35.53 17.05
N PRO B 148 -16.65 34.59 16.46
CA PRO B 148 -17.29 33.43 15.85
C PRO B 148 -18.04 32.57 16.85
N SER B 149 -19.13 31.96 16.38
CA SER B 149 -19.98 31.19 17.28
C SER B 149 -20.77 30.16 16.50
N GLU B 150 -21.45 29.29 17.27
CA GLU B 150 -22.38 28.30 16.72
C GLU B 150 -23.37 28.95 15.76
N LYS B 151 -23.68 30.24 15.96
CA LYS B 151 -24.59 30.96 15.09
C LYS B 151 -24.08 31.03 13.66
N ASP B 152 -22.76 31.00 13.46
CA ASP B 152 -22.18 31.20 12.13
C ASP B 152 -22.45 30.04 11.18
N ALA B 153 -22.74 28.85 11.73
CA ALA B 153 -23.05 27.63 10.97
C ALA B 153 -24.52 27.49 10.64
N LEU B 154 -25.37 28.39 11.12
CA LEU B 154 -26.81 28.31 10.86
C LEU B 154 -27.19 29.04 9.59
N GLN B 155 -26.38 28.88 8.51
CA GLN B 155 -26.71 29.38 7.18
C GLN B 155 -27.52 28.33 6.41
N PRO B 156 -28.36 28.73 5.47
CA PRO B 156 -29.08 27.76 4.63
C PRO B 156 -28.17 27.15 3.57
N GLY B 157 -28.66 26.05 2.98
CA GLY B 157 -27.87 25.33 2.00
C GLY B 157 -27.39 26.16 0.81
N ARG B 158 -28.19 27.15 0.37
CA ARG B 158 -27.82 27.95 -0.80
C ARG B 158 -26.50 28.69 -0.61
N ASN B 159 -26.11 28.98 0.64
CA ASN B 159 -24.87 29.72 0.93
C ASN B 159 -23.60 28.87 0.84
N LEU B 160 -23.70 27.58 0.56
CA LEU B 160 -22.54 26.71 0.50
C LEU B 160 -21.56 27.18 -0.58
N VAL B 161 -20.30 27.31 -0.20
CA VAL B 161 -19.25 27.60 -1.18
C VAL B 161 -18.71 26.32 -1.83
N ALA B 162 -18.75 25.19 -1.10
CA ALA B 162 -18.31 23.89 -1.58
C ALA B 162 -18.85 22.82 -0.65
N ALA B 163 -19.09 21.63 -1.22
CA ALA B 163 -19.61 20.49 -0.49
C ALA B 163 -19.25 19.23 -1.24
N GLY B 164 -19.31 18.11 -0.53
CA GLY B 164 -19.06 16.85 -1.19
C GLY B 164 -18.89 15.74 -0.17
N TYR B 165 -18.37 14.62 -0.67
CA TYR B 165 -18.20 13.47 0.20
C TYR B 165 -17.02 12.63 -0.28
N ALA B 166 -16.53 11.83 0.65
CA ALA B 166 -15.64 10.73 0.35
C ALA B 166 -16.40 9.44 0.60
N LEU B 167 -16.41 8.55 -0.40
CA LEU B 167 -17.02 7.21 -0.25
C LEU B 167 -15.91 6.18 -0.03
N TYR B 168 -15.99 5.42 1.06
CA TYR B 168 -15.08 4.30 1.31
C TYR B 168 -15.82 3.00 0.96
N GLY B 169 -15.90 2.69 -0.33
CA GLY B 169 -16.62 1.54 -0.83
C GLY B 169 -15.70 0.43 -1.31
N SER B 170 -16.01 -0.19 -2.45
CA SER B 170 -15.04 -1.15 -3.00
C SER B 170 -13.73 -0.46 -3.37
N ALA B 171 -13.80 0.83 -3.72
CA ALA B 171 -12.65 1.73 -3.74
C ALA B 171 -13.05 3.05 -3.09
N THR B 172 -12.08 3.96 -2.95
CA THR B 172 -12.30 5.24 -2.27
C THR B 172 -12.31 6.39 -3.27
N MET B 173 -13.42 7.13 -3.30
CA MET B 173 -13.60 8.26 -4.22
C MET B 173 -14.04 9.49 -3.45
N LEU B 174 -13.44 10.63 -3.75
CA LEU B 174 -13.91 11.92 -3.26
C LEU B 174 -14.67 12.68 -4.34
N VAL B 175 -15.90 13.10 -4.03
CA VAL B 175 -16.74 13.82 -4.96
C VAL B 175 -16.82 15.27 -4.46
N LEU B 176 -16.34 16.21 -5.27
CA LEU B 176 -16.22 17.62 -4.87
C LEU B 176 -17.14 18.51 -5.69
N ALA B 177 -17.98 19.30 -5.00
CA ALA B 177 -18.91 20.20 -5.65
C ALA B 177 -18.55 21.66 -5.37
N MET B 178 -18.49 22.46 -6.43
CA MET B 178 -18.28 23.91 -6.35
C MET B 178 -19.19 24.57 -7.39
N ASP B 179 -19.06 25.88 -7.60
CA ASP B 179 -19.86 26.49 -8.66
C ASP B 179 -19.46 25.97 -10.04
N CYS B 180 -18.20 25.56 -10.20
CA CYS B 180 -17.73 25.04 -11.48
C CYS B 180 -18.29 23.66 -11.83
N GLY B 181 -19.04 23.02 -10.94
CA GLY B 181 -19.64 21.73 -11.19
C GLY B 181 -19.14 20.66 -10.24
N VAL B 182 -19.47 19.41 -10.56
CA VAL B 182 -19.12 18.27 -9.71
C VAL B 182 -17.98 17.50 -10.38
N ASN B 183 -16.94 17.19 -9.61
CA ASN B 183 -15.81 16.42 -10.11
C ASN B 183 -15.51 15.25 -9.19
N CYS B 184 -15.22 14.09 -9.78
CA CYS B 184 -15.04 12.85 -9.04
C CYS B 184 -13.60 12.36 -9.21
N PHE B 185 -12.95 12.13 -8.07
CA PHE B 185 -11.54 11.77 -8.00
C PHE B 185 -11.43 10.41 -7.33
N MET B 186 -10.67 9.52 -7.93
CA MET B 186 -10.47 8.16 -7.45
C MET B 186 -9.15 8.06 -6.69
N LEU B 187 -9.20 7.50 -5.49
CA LEU B 187 -7.97 7.35 -4.72
C LEU B 187 -7.21 6.14 -5.20
N ASP B 188 -6.01 6.38 -5.74
CA ASP B 188 -5.05 5.34 -6.15
C ASP B 188 -4.19 4.99 -4.95
N PRO B 189 -4.47 3.87 -4.29
CA PRO B 189 -3.72 3.51 -3.08
C PRO B 189 -2.25 3.25 -3.33
N ALA B 190 -1.84 2.91 -4.54
CA ALA B 190 -0.43 2.66 -4.80
C ALA B 190 0.42 3.90 -4.55
N ILE B 191 -0.16 5.09 -4.74
CA ILE B 191 0.59 6.33 -4.61
C ILE B 191 -0.07 7.36 -3.72
N GLY B 192 -1.23 7.05 -3.12
CA GLY B 192 -1.92 7.99 -2.26
C GLY B 192 -2.25 9.30 -2.94
N GLU B 193 -2.90 9.22 -4.10
CA GLU B 193 -3.27 10.39 -4.86
C GLU B 193 -4.69 10.20 -5.40
N PHE B 194 -5.49 11.26 -5.32
CA PHE B 194 -6.83 11.28 -5.89
C PHE B 194 -6.73 11.69 -7.36
N ILE B 195 -7.10 10.77 -8.25
CA ILE B 195 -7.01 10.98 -9.69
C ILE B 195 -8.38 11.39 -10.21
N LEU B 196 -8.43 12.50 -10.93
CA LEU B 196 -9.68 12.96 -11.52
C LEU B 196 -10.13 11.96 -12.59
N VAL B 197 -11.31 11.39 -12.43
CA VAL B 197 -11.79 10.35 -13.34
C VAL B 197 -13.14 10.66 -13.96
N ASP B 198 -13.83 11.69 -13.50
CA ASP B 198 -15.14 12.06 -14.03
C ASP B 198 -15.25 13.56 -13.88
N LYS B 199 -15.14 14.27 -15.01
CA LYS B 199 -15.11 15.74 -15.05
C LYS B 199 -16.53 16.27 -15.19
N ASP B 200 -16.89 17.26 -14.37
CA ASP B 200 -18.12 18.04 -14.54
C ASP B 200 -19.35 17.14 -14.70
N VAL B 201 -19.61 16.36 -13.65
CA VAL B 201 -20.57 15.27 -13.76
C VAL B 201 -21.98 15.81 -13.83
N LYS B 202 -22.82 15.15 -14.62
CA LYS B 202 -24.21 15.50 -14.73
C LYS B 202 -25.04 14.24 -14.59
N ILE B 203 -26.11 14.35 -13.83
CA ILE B 203 -26.92 13.16 -13.56
C ILE B 203 -27.89 12.95 -14.72
N LYS B 204 -28.21 11.68 -14.96
CA LYS B 204 -29.22 11.32 -15.95
C LYS B 204 -30.51 12.10 -15.70
N LYS B 205 -31.26 12.31 -16.80
CA LYS B 205 -32.56 12.98 -16.72
C LYS B 205 -33.56 12.14 -15.92
N LYS B 206 -33.51 10.82 -16.06
CA LYS B 206 -34.43 9.92 -15.39
C LYS B 206 -33.74 8.58 -15.16
N GLY B 207 -33.96 7.99 -13.99
CA GLY B 207 -33.37 6.73 -13.62
C GLY B 207 -34.38 5.59 -13.54
N LYS B 208 -33.85 4.41 -13.18
CA LYS B 208 -34.65 3.19 -13.08
C LYS B 208 -34.50 2.52 -11.72
N ILE B 209 -34.08 3.24 -10.69
CA ILE B 209 -33.84 2.66 -9.38
C ILE B 209 -34.42 3.60 -8.33
N TYR B 210 -35.10 3.03 -7.34
CA TYR B 210 -35.60 3.82 -6.22
C TYR B 210 -35.05 3.27 -4.92
N SER B 211 -34.83 4.16 -3.96
CA SER B 211 -34.00 3.88 -2.80
C SER B 211 -34.59 4.50 -1.54
N LEU B 212 -35.05 3.65 -0.63
CA LEU B 212 -35.45 4.07 0.71
C LEU B 212 -35.62 2.82 1.57
N ASN B 213 -35.75 3.02 2.87
CA ASN B 213 -36.01 1.93 3.82
C ASN B 213 -37.52 1.66 3.83
N GLU B 214 -37.95 0.57 3.20
CA GLU B 214 -39.38 0.30 3.10
C GLU B 214 -39.95 -0.43 4.32
N GLY B 215 -39.13 -0.81 5.30
CA GLY B 215 -39.64 -1.39 6.53
C GLY B 215 -40.47 -0.43 7.37
N TYR B 216 -40.31 0.87 7.14
CA TYR B 216 -41.13 1.90 7.80
C TYR B 216 -42.46 2.11 7.08
N ALA B 217 -42.97 1.10 6.37
CA ALA B 217 -44.09 1.30 5.47
C ALA B 217 -45.38 1.68 6.21
N LYS B 218 -45.62 1.10 7.39
CA LYS B 218 -46.86 1.43 8.11
C LYS B 218 -46.83 2.88 8.58
N ASP B 219 -45.66 3.50 8.63
CA ASP B 219 -45.55 4.88 9.07
C ASP B 219 -45.39 5.84 7.91
N PHE B 220 -45.39 5.34 6.67
CA PHE B 220 -45.14 6.20 5.53
C PHE B 220 -46.19 7.31 5.42
N ASP B 221 -45.72 8.47 5.03
CA ASP B 221 -46.63 9.49 4.53
C ASP B 221 -47.47 8.89 3.40
N PRO B 222 -48.78 9.19 3.36
CA PRO B 222 -49.61 8.64 2.26
C PRO B 222 -49.16 9.03 0.85
N ALA B 223 -48.48 10.16 0.68
CA ALA B 223 -47.98 10.53 -0.65
C ALA B 223 -46.80 9.64 -1.05
N VAL B 224 -45.91 9.34 -0.11
CA VAL B 224 -44.82 8.41 -0.38
C VAL B 224 -45.38 7.04 -0.74
N THR B 225 -46.41 6.60 0.00
CA THR B 225 -47.03 5.29 -0.25
C THR B 225 -47.49 5.16 -1.70
N GLU B 226 -48.02 6.24 -2.30
CA GLU B 226 -48.41 6.14 -3.70
C GLU B 226 -47.23 6.11 -4.64
N TYR B 227 -46.20 6.94 -4.39
CA TYR B 227 -45.08 7.01 -5.32
C TYR B 227 -44.40 5.65 -5.42
N ILE B 228 -44.19 4.98 -4.28
CA ILE B 228 -43.62 3.63 -4.30
C ILE B 228 -44.53 2.67 -5.05
N GLN B 229 -45.86 2.79 -4.83
CA GLN B 229 -46.83 2.04 -5.63
C GLN B 229 -46.60 2.26 -7.12
N ARG B 230 -46.39 3.52 -7.52
CA ARG B 230 -46.12 3.84 -8.92
C ARG B 230 -44.82 3.22 -9.41
N LYS B 231 -43.87 2.98 -8.51
CA LYS B 231 -42.61 2.38 -8.95
C LYS B 231 -42.75 0.87 -9.08
N LYS B 232 -43.40 0.23 -8.12
CA LYS B 232 -43.57 -1.22 -8.21
C LYS B 232 -44.57 -1.58 -9.31
N PHE B 233 -45.64 -0.79 -9.44
CA PHE B 233 -46.75 -1.06 -10.37
C PHE B 233 -46.95 0.11 -11.31
N PRO B 234 -46.27 0.12 -12.45
CA PRO B 234 -46.30 1.28 -13.35
C PRO B 234 -47.63 1.38 -14.09
N PRO B 235 -48.15 2.60 -14.26
CA PRO B 235 -49.37 2.75 -15.07
C PRO B 235 -49.13 2.41 -16.54
N ASP B 236 -48.33 3.23 -17.22
CA ASP B 236 -48.20 3.14 -18.67
C ASP B 236 -47.16 2.10 -19.09
N ASN B 237 -47.56 0.82 -19.04
CA ASN B 237 -46.83 -0.23 -19.75
C ASN B 237 -45.33 -0.28 -19.46
N SER B 238 -44.84 0.49 -18.49
CA SER B 238 -43.40 0.50 -18.31
C SER B 238 -42.95 -0.59 -17.35
N ALA B 239 -41.64 -0.79 -17.31
CA ALA B 239 -41.08 -1.77 -16.39
C ALA B 239 -40.96 -1.16 -14.99
N PRO B 240 -41.15 -1.96 -13.95
CA PRO B 240 -40.99 -1.44 -12.59
C PRO B 240 -39.54 -1.07 -12.28
N TYR B 241 -39.39 -0.14 -11.35
CA TYR B 241 -38.05 0.24 -10.91
C TYR B 241 -37.43 -0.87 -10.07
N GLY B 242 -36.11 -0.95 -10.09
CA GLY B 242 -35.42 -1.78 -9.13
C GLY B 242 -35.34 -1.08 -7.78
N ALA B 243 -35.23 -1.89 -6.73
CA ALA B 243 -35.06 -1.37 -5.38
C ALA B 243 -33.62 -1.60 -4.92
N ARG B 244 -33.00 -0.55 -4.37
CA ARG B 244 -31.67 -0.63 -3.77
C ARG B 244 -31.65 0.27 -2.55
N TYR B 245 -31.22 -0.27 -1.42
CA TYR B 245 -31.07 0.54 -0.21
C TYR B 245 -29.97 -0.10 0.62
N VAL B 246 -28.78 0.50 0.55
CA VAL B 246 -27.64 0.03 1.31
C VAL B 246 -27.79 0.38 2.78
N GLY B 247 -28.49 1.46 3.09
CA GLY B 247 -28.56 1.93 4.45
C GLY B 247 -27.44 2.86 4.85
N SER B 248 -26.57 3.23 3.92
CA SER B 248 -25.47 4.15 4.17
C SER B 248 -25.63 5.29 3.19
N MET B 249 -25.87 6.49 3.71
CA MET B 249 -26.30 7.57 2.83
C MET B 249 -25.30 7.84 1.71
N VAL B 250 -24.00 7.88 2.03
CA VAL B 250 -23.01 8.20 1.00
C VAL B 250 -23.08 7.17 -0.12
N ALA B 251 -23.24 5.90 0.25
CA ALA B 251 -23.36 4.83 -0.74
C ALA B 251 -24.62 5.00 -1.59
N ASP B 252 -25.77 5.24 -0.93
CA ASP B 252 -27.04 5.36 -1.66
C ASP B 252 -27.05 6.59 -2.57
N VAL B 253 -26.56 7.73 -2.06
CA VAL B 253 -26.52 8.97 -2.85
C VAL B 253 -25.53 8.87 -4.00
N HIS B 254 -24.38 8.23 -3.78
CA HIS B 254 -23.43 8.12 -4.88
C HIS B 254 -23.99 7.24 -6.00
N ARG B 255 -24.61 6.11 -5.65
CA ARG B 255 -25.23 5.27 -6.66
C ARG B 255 -26.32 6.05 -7.41
N THR B 256 -27.07 6.91 -6.70
CA THR B 256 -28.06 7.71 -7.39
C THR B 256 -27.38 8.67 -8.38
N LEU B 257 -26.21 9.19 -8.01
CA LEU B 257 -25.47 10.07 -8.91
C LEU B 257 -24.93 9.30 -10.13
N VAL B 258 -24.47 8.07 -9.93
CA VAL B 258 -23.86 7.29 -11.01
C VAL B 258 -24.92 6.64 -11.92
N TYR B 259 -26.00 6.09 -11.35
CA TYR B 259 -26.95 5.33 -12.16
C TYR B 259 -28.27 6.05 -12.40
N GLY B 260 -28.48 7.21 -11.80
CA GLY B 260 -29.77 7.86 -11.88
C GLY B 260 -30.73 7.20 -10.93
N GLY B 261 -31.93 7.77 -10.84
CA GLY B 261 -32.90 7.24 -9.91
C GLY B 261 -33.25 8.28 -8.87
N ILE B 262 -33.72 7.80 -7.72
CA ILE B 262 -34.21 8.66 -6.65
C ILE B 262 -33.78 8.06 -5.31
N PHE B 263 -33.51 8.92 -4.34
CA PHE B 263 -33.19 8.52 -2.98
C PHE B 263 -34.16 9.21 -2.03
N LEU B 264 -34.68 8.47 -1.05
CA LEU B 264 -35.71 9.01 -0.20
C LEU B 264 -35.43 8.62 1.25
N TYR B 265 -35.45 9.62 2.13
CA TYR B 265 -35.55 9.42 3.58
C TYR B 265 -36.51 10.47 4.09
N PRO B 266 -37.80 10.23 3.93
CA PRO B 266 -38.78 11.32 4.02
C PRO B 266 -39.33 11.52 5.43
N ALA B 267 -40.10 12.59 5.56
CA ALA B 267 -40.85 12.84 6.78
C ALA B 267 -42.08 11.94 6.81
N ASN B 268 -42.29 11.29 7.95
CA ASN B 268 -43.55 10.61 8.20
C ASN B 268 -44.27 11.35 9.34
N LYS B 269 -45.28 10.71 9.93
CA LYS B 269 -45.96 11.37 11.05
C LYS B 269 -45.22 11.13 12.36
N LYS B 270 -44.68 9.93 12.55
CA LYS B 270 -43.89 9.66 13.73
C LYS B 270 -42.57 10.44 13.72
N SER B 271 -42.18 10.98 12.56
CA SER B 271 -40.98 11.82 12.43
C SER B 271 -41.28 12.98 11.47
N PRO B 272 -41.91 14.05 11.96
CA PRO B 272 -42.33 15.15 11.07
C PRO B 272 -41.17 15.89 10.41
N ASN B 273 -39.95 15.75 10.91
CA ASN B 273 -38.78 16.39 10.33
C ASN B 273 -37.74 15.40 9.82
N GLY B 274 -38.17 14.20 9.45
CA GLY B 274 -37.21 13.19 8.99
C GLY B 274 -36.24 12.80 10.08
N LYS B 275 -35.14 12.17 9.67
CA LYS B 275 -34.10 11.80 10.63
C LYS B 275 -32.68 12.13 10.20
N LEU B 276 -32.40 12.31 8.93
CA LEU B 276 -31.06 12.72 8.51
C LEU B 276 -30.81 14.16 8.96
N ARG B 277 -29.60 14.45 9.40
CA ARG B 277 -29.26 15.78 9.90
C ARG B 277 -29.05 16.75 8.74
N LEU B 278 -29.51 17.99 8.92
CA LEU B 278 -29.56 18.94 7.81
C LEU B 278 -28.20 19.52 7.47
N LEU B 279 -27.43 19.92 8.48
CA LEU B 279 -26.23 20.74 8.21
C LEU B 279 -25.14 19.91 7.54
N TYR B 280 -24.98 18.65 7.93
CA TYR B 280 -23.85 17.86 7.48
C TYR B 280 -24.28 16.54 6.80
N GLU B 281 -25.53 16.43 6.36
CA GLU B 281 -25.88 15.30 5.50
C GLU B 281 -26.75 15.79 4.35
N CYS B 282 -27.93 16.34 4.67
CA CYS B 282 -28.88 16.76 3.65
C CYS B 282 -28.34 17.91 2.79
N ASN B 283 -27.82 18.96 3.41
CA ASN B 283 -27.34 20.10 2.63
C ASN B 283 -26.19 19.73 1.69
N PRO B 284 -25.08 19.11 2.15
CA PRO B 284 -24.03 18.76 1.18
C PRO B 284 -24.52 17.88 0.03
N MET B 285 -25.30 16.83 0.32
CA MET B 285 -25.80 15.96 -0.74
C MET B 285 -26.73 16.71 -1.66
N ALA B 286 -27.62 17.54 -1.10
CA ALA B 286 -28.49 18.38 -1.90
C ALA B 286 -27.66 19.30 -2.80
N TYR B 287 -26.59 19.87 -2.26
CA TYR B 287 -25.75 20.77 -3.04
C TYR B 287 -25.05 20.03 -4.18
N VAL B 288 -24.47 18.86 -3.88
CA VAL B 288 -23.85 18.04 -4.93
C VAL B 288 -24.88 17.68 -6.00
N MET B 289 -26.08 17.29 -5.57
CA MET B 289 -27.16 16.91 -6.49
C MET B 289 -27.56 18.07 -7.42
N GLU B 290 -27.72 19.27 -6.86
CA GLU B 290 -28.18 20.39 -7.69
C GLU B 290 -27.10 20.83 -8.68
N LYS B 291 -25.85 20.93 -8.22
CA LYS B 291 -24.73 21.28 -9.11
C LYS B 291 -24.52 20.25 -10.20
N ALA B 292 -25.08 19.04 -10.08
CA ALA B 292 -24.91 17.99 -11.07
C ALA B 292 -26.15 17.77 -11.93
N GLY B 293 -27.09 18.72 -11.92
CA GLY B 293 -28.28 18.62 -12.73
C GLY B 293 -29.44 17.88 -12.09
N GLY B 294 -29.43 17.72 -10.78
CA GLY B 294 -30.49 17.01 -10.10
C GLY B 294 -31.25 17.89 -9.14
N MET B 295 -32.09 17.30 -8.30
CA MET B 295 -32.89 18.07 -7.38
C MET B 295 -32.83 17.45 -6.00
N ALA B 296 -33.21 18.23 -4.99
CA ALA B 296 -33.30 17.70 -3.64
C ALA B 296 -34.29 18.56 -2.87
N THR B 297 -35.35 17.92 -2.39
CA THR B 297 -36.47 18.58 -1.76
C THR B 297 -36.77 17.93 -0.43
N THR B 298 -37.23 18.76 0.51
CA THR B 298 -37.80 18.27 1.75
C THR B 298 -39.20 17.71 1.54
N GLY B 299 -39.76 17.88 0.35
CA GLY B 299 -41.17 17.67 0.12
C GLY B 299 -41.91 18.98 -0.14
N LYS B 300 -41.70 19.98 0.73
CA LYS B 300 -42.36 21.28 0.70
C LYS B 300 -41.53 22.37 0.02
N GLU B 301 -40.23 22.37 0.23
CA GLU B 301 -39.30 23.37 -0.29
C GLU B 301 -38.03 22.64 -0.73
N ALA B 302 -37.18 23.34 -1.48
CA ALA B 302 -35.89 22.76 -1.82
C ALA B 302 -35.01 22.69 -0.58
N VAL B 303 -34.24 21.60 -0.47
CA VAL B 303 -33.43 21.36 0.73
C VAL B 303 -32.53 22.55 1.04
N LEU B 304 -31.94 23.13 0.00
CA LEU B 304 -31.02 24.25 0.18
C LEU B 304 -31.71 25.53 0.65
N ASP B 305 -33.03 25.60 0.63
CA ASP B 305 -33.77 26.80 1.04
C ASP B 305 -34.28 26.74 2.47
N VAL B 306 -33.94 25.70 3.21
CA VAL B 306 -34.29 25.61 4.63
C VAL B 306 -33.35 26.46 5.45
N ILE B 307 -33.91 27.31 6.31
CA ILE B 307 -33.14 28.10 7.25
C ILE B 307 -33.12 27.34 8.58
N PRO B 308 -31.96 26.92 9.07
CA PRO B 308 -31.89 26.13 10.31
C PRO B 308 -31.84 26.99 11.58
N THR B 309 -32.38 26.40 12.66
CA THR B 309 -32.32 27.00 13.99
C THR B 309 -31.50 26.21 14.99
N ASP B 310 -31.10 24.99 14.66
CA ASP B 310 -30.24 24.22 15.55
C ASP B 310 -29.29 23.40 14.69
N ILE B 311 -28.04 23.31 15.13
CA ILE B 311 -27.01 22.70 14.28
C ILE B 311 -27.24 21.20 14.06
N HIS B 312 -27.95 20.49 14.94
CA HIS B 312 -28.21 19.07 14.76
C HIS B 312 -29.64 18.77 14.31
N GLN B 313 -30.35 19.78 13.82
CA GLN B 313 -31.73 19.55 13.45
C GLN B 313 -31.80 18.64 12.23
N ARG B 314 -32.93 17.95 12.10
CA ARG B 314 -33.14 17.00 11.02
C ARG B 314 -33.91 17.65 9.87
N ALA B 315 -33.99 16.91 8.75
CA ALA B 315 -34.68 17.37 7.55
C ALA B 315 -35.04 16.19 6.67
N PRO B 316 -36.25 16.16 6.10
CA PRO B 316 -36.55 15.14 5.10
C PRO B 316 -35.82 15.47 3.80
N VAL B 317 -35.56 14.43 3.01
CA VAL B 317 -34.83 14.66 1.77
C VAL B 317 -35.27 13.64 0.74
N ILE B 318 -35.59 14.13 -0.45
CA ILE B 318 -35.85 13.30 -1.63
C ILE B 318 -35.01 13.90 -2.74
N LEU B 319 -34.04 13.13 -3.25
CA LEU B 319 -33.11 13.69 -4.22
C LEU B 319 -32.87 12.68 -5.34
N GLY B 320 -32.31 13.20 -6.43
CA GLY B 320 -31.96 12.35 -7.55
C GLY B 320 -32.15 12.99 -8.90
N SER B 321 -32.39 12.17 -9.91
CA SER B 321 -32.61 12.67 -11.26
C SER B 321 -33.83 13.58 -11.30
N PRO B 322 -33.80 14.64 -12.11
CA PRO B 322 -34.91 15.61 -12.08
C PRO B 322 -36.26 15.00 -12.43
N ASP B 323 -36.34 14.12 -13.43
CA ASP B 323 -37.62 13.53 -13.81
C ASP B 323 -38.21 12.69 -12.69
N ASP B 324 -37.36 12.04 -11.89
CA ASP B 324 -37.86 11.19 -10.81
C ASP B 324 -38.32 12.03 -9.61
N VAL B 325 -37.59 13.11 -9.30
CA VAL B 325 -38.02 13.99 -8.21
C VAL B 325 -39.25 14.78 -8.61
N LEU B 326 -39.33 15.22 -9.86
CA LEU B 326 -40.53 15.91 -10.34
C LEU B 326 -41.74 14.99 -10.25
N GLU B 327 -41.62 13.76 -10.78
CA GLU B 327 -42.71 12.80 -10.67
C GLU B 327 -43.10 12.58 -9.21
N PHE B 328 -42.11 12.59 -8.32
CA PHE B 328 -42.45 12.54 -6.90
C PHE B 328 -43.19 13.78 -6.48
N LEU B 329 -42.76 14.95 -6.93
CA LEU B 329 -43.45 16.18 -6.53
C LEU B 329 -44.84 16.24 -7.14
N LYS B 330 -45.01 15.75 -8.38
CA LYS B 330 -46.33 15.65 -9.00
C LYS B 330 -47.31 14.88 -8.10
N VAL B 331 -46.86 13.76 -7.53
CA VAL B 331 -47.68 12.98 -6.62
C VAL B 331 -47.85 13.68 -5.28
N TYR B 332 -46.81 14.38 -4.81
CA TYR B 332 -46.84 14.96 -3.47
C TYR B 332 -47.94 16.00 -3.35
N GLU B 333 -48.16 16.77 -4.41
CA GLU B 333 -49.21 17.78 -4.40
C GLU B 333 -50.60 17.16 -4.48
N LYS B 334 -50.72 15.96 -5.05
CA LYS B 334 -51.99 15.24 -5.06
C LYS B 334 -52.51 14.99 -3.65
N HIS B 335 -51.62 14.85 -2.66
CA HIS B 335 -52.02 14.74 -1.26
C HIS B 335 -52.03 16.09 -0.54
N SER B 336 -52.15 17.19 -1.29
CA SER B 336 -52.18 18.56 -0.77
C SER B 336 -50.81 18.98 -0.23
N ASP C 10 5.80 -20.58 -14.77
CA ASP C 10 4.62 -20.74 -13.91
C ASP C 10 4.85 -20.05 -12.56
N VAL C 11 3.90 -19.22 -12.14
CA VAL C 11 4.12 -18.34 -11.00
C VAL C 11 4.19 -19.12 -9.71
N ASN C 12 5.10 -18.69 -8.83
CA ASN C 12 5.31 -19.30 -7.54
C ASN C 12 5.54 -18.22 -6.49
N THR C 13 4.95 -18.45 -5.31
CA THR C 13 5.12 -17.56 -4.18
C THR C 13 6.00 -18.24 -3.15
N LEU C 14 6.52 -17.44 -2.20
CA LEU C 14 7.29 -18.04 -1.13
C LEU C 14 6.45 -19.02 -0.35
N THR C 15 5.18 -18.69 -0.11
CA THR C 15 4.34 -19.55 0.70
C THR C 15 4.08 -20.89 0.02
N ARG C 16 3.88 -20.86 -1.30
CA ARG C 16 3.68 -22.09 -2.06
C ARG C 16 4.97 -22.89 -2.12
N PHE C 17 6.09 -22.21 -2.33
CA PHE C 17 7.39 -22.87 -2.43
C PHE C 17 7.77 -23.59 -1.14
N VAL C 18 7.62 -22.92 -0.01
CA VAL C 18 8.00 -23.51 1.28
C VAL C 18 7.06 -24.66 1.63
N MET C 19 5.75 -24.53 1.36
CA MET C 19 4.84 -25.65 1.63
C MET C 19 5.14 -26.84 0.73
N GLU C 20 5.55 -26.59 -0.51
CA GLU C 20 5.85 -27.71 -1.40
C GLU C 20 7.14 -28.40 -0.98
N GLU C 21 8.17 -27.64 -0.62
CA GLU C 21 9.41 -28.29 -0.18
C GLU C 21 9.20 -29.07 1.12
N GLY C 22 8.36 -28.54 2.01
CA GLY C 22 8.06 -29.26 3.24
C GLY C 22 7.36 -30.58 2.96
N ARG C 23 6.44 -30.59 2.00
CA ARG C 23 5.79 -31.83 1.58
C ARG C 23 6.80 -32.84 1.03
N LYS C 24 7.76 -32.37 0.22
CA LYS C 24 8.73 -33.29 -0.36
C LYS C 24 9.66 -33.89 0.68
N ALA C 25 9.96 -33.18 1.75
CA ALA C 25 10.86 -33.68 2.78
C ALA C 25 10.19 -34.69 3.72
N ARG C 26 8.86 -34.82 3.65
CA ARG C 26 8.06 -35.68 4.52
C ARG C 26 8.43 -35.45 5.98
N GLY C 27 8.58 -34.20 6.37
CA GLY C 27 8.92 -33.85 7.73
C GLY C 27 7.71 -33.51 8.58
N THR C 28 8.00 -33.02 9.79
CA THR C 28 6.95 -32.70 10.75
C THR C 28 6.13 -31.50 10.33
N GLY C 29 6.63 -30.69 9.41
CA GLY C 29 6.02 -29.43 9.09
C GLY C 29 6.54 -28.27 9.90
N GLU C 30 7.47 -28.52 10.82
CA GLU C 30 7.97 -27.47 11.70
C GLU C 30 8.70 -26.39 10.92
N LEU C 31 9.69 -26.79 10.11
CA LEU C 31 10.44 -25.80 9.35
C LEU C 31 9.53 -25.03 8.40
N THR C 32 8.42 -25.64 7.99
CA THR C 32 7.47 -24.92 7.16
C THR C 32 6.78 -23.83 7.96
N GLN C 33 6.35 -24.16 9.18
CA GLN C 33 5.75 -23.17 10.08
C GLN C 33 6.75 -22.06 10.41
N LEU C 34 8.02 -22.43 10.58
CA LEU C 34 9.06 -21.49 10.93
C LEU C 34 9.25 -20.45 9.83
N LEU C 35 9.49 -20.91 8.59
CA LEU C 35 9.77 -19.99 7.50
C LEU C 35 8.56 -19.12 7.16
N ASN C 36 7.35 -19.67 7.30
CA ASN C 36 6.16 -18.84 7.05
C ASN C 36 6.03 -17.75 8.10
N SER C 37 6.29 -18.08 9.37
CA SER C 37 6.27 -17.07 10.43
C SER C 37 7.39 -16.04 10.24
N LEU C 38 8.58 -16.49 9.91
CA LEU C 38 9.67 -15.55 9.69
C LEU C 38 9.37 -14.63 8.51
N CYS C 39 8.79 -15.18 7.43
CA CYS C 39 8.44 -14.38 6.27
C CYS C 39 7.34 -13.36 6.60
N THR C 40 6.39 -13.74 7.44
CA THR C 40 5.39 -12.79 7.92
C THR C 40 6.01 -11.70 8.77
N ALA C 41 6.94 -12.08 9.66
CA ALA C 41 7.66 -11.07 10.42
C ALA C 41 8.40 -10.11 9.50
N VAL C 42 9.00 -10.65 8.41
CA VAL C 42 9.75 -9.83 7.47
C VAL C 42 8.85 -8.79 6.77
N LYS C 43 7.61 -9.17 6.42
CA LYS C 43 6.75 -8.22 5.73
C LYS C 43 6.37 -7.07 6.65
N ALA C 44 6.14 -7.39 7.93
CA ALA C 44 5.82 -6.35 8.89
C ALA C 44 7.02 -5.43 9.16
N ILE C 45 8.22 -6.00 9.26
CA ILE C 45 9.41 -5.18 9.37
C ILE C 45 9.50 -4.21 8.19
N SER C 46 9.35 -4.75 6.97
CA SER C 46 9.47 -3.92 5.76
C SER C 46 8.49 -2.75 5.77
N SER C 47 7.24 -3.00 6.18
CA SER C 47 6.24 -1.95 6.26
C SER C 47 6.69 -0.81 7.18
N ALA C 48 7.26 -1.16 8.34
CA ALA C 48 7.71 -0.14 9.28
C ALA C 48 8.97 0.54 8.79
N VAL C 49 9.85 -0.20 8.12
CA VAL C 49 11.11 0.38 7.66
C VAL C 49 10.85 1.46 6.64
N ARG C 50 9.91 1.23 5.73
CA ARG C 50 9.40 2.18 4.73
C ARG C 50 8.44 3.30 5.37
N LYS C 51 8.34 3.32 6.70
CA LYS C 51 7.73 4.41 7.45
C LYS C 51 6.22 4.49 7.23
N ALA C 52 5.57 3.35 7.17
CA ALA C 52 4.11 3.33 7.15
C ALA C 52 3.57 3.86 8.46
N GLY C 53 2.61 4.77 8.37
CA GLY C 53 2.05 5.33 9.59
C GLY C 53 2.89 6.38 10.26
N ILE C 54 4.00 6.81 9.65
CA ILE C 54 4.84 7.83 10.29
C ILE C 54 4.07 9.12 10.51
N ALA C 55 3.03 9.37 9.70
CA ALA C 55 2.25 10.59 9.90
C ALA C 55 1.62 10.64 11.28
N HIS C 56 1.33 9.50 11.89
CA HIS C 56 0.68 9.53 13.20
C HIS C 56 1.63 9.95 14.30
N LEU C 57 2.93 9.63 14.20
CA LEU C 57 3.89 10.16 15.15
C LEU C 57 4.05 11.68 15.03
N TYR C 58 3.63 12.28 13.93
CA TYR C 58 3.83 13.70 13.73
C TYR C 58 2.53 14.48 13.81
N GLY C 59 1.50 13.91 14.42
CA GLY C 59 0.35 14.68 14.83
C GLY C 59 -0.78 14.78 13.82
N ILE C 60 -0.87 13.86 12.86
CA ILE C 60 -1.93 13.92 11.85
C ILE C 60 -3.31 13.88 12.49
N ALA C 61 -3.48 13.15 13.60
CA ALA C 61 -4.75 13.04 14.30
C ALA C 61 -4.77 13.73 15.65
N GLY C 62 -3.77 14.56 15.97
CA GLY C 62 -3.72 15.24 17.26
C GLY C 62 -2.69 14.72 18.24
N LYS C 72 9.19 3.82 19.31
CA LYS C 72 9.99 2.59 19.40
C LYS C 72 10.89 2.33 18.17
N LYS C 73 12.19 2.23 18.39
CA LYS C 73 13.16 2.18 17.30
C LYS C 73 12.96 0.96 16.42
N LEU C 74 13.30 1.11 15.14
CA LEU C 74 13.09 0.05 14.15
C LEU C 74 13.76 -1.27 14.54
N ASP C 75 14.96 -1.23 15.14
CA ASP C 75 15.62 -2.50 15.41
C ASP C 75 15.09 -3.22 16.64
N VAL C 76 14.50 -2.50 17.61
CA VAL C 76 13.84 -3.18 18.72
C VAL C 76 12.53 -3.78 18.23
N LEU C 77 11.80 -3.03 17.42
CA LEU C 77 10.56 -3.55 16.85
C LEU C 77 10.81 -4.77 15.98
N SER C 78 11.88 -4.75 15.17
CA SER C 78 12.18 -5.89 14.32
C SER C 78 12.46 -7.12 15.15
N ASN C 79 13.30 -6.96 16.17
CA ASN C 79 13.64 -8.08 17.04
C ASN C 79 12.39 -8.60 17.75
N ASP C 80 11.48 -7.69 18.14
CA ASP C 80 10.25 -8.11 18.80
C ASP C 80 9.33 -8.83 17.84
N LEU C 81 9.25 -8.38 16.58
CA LEU C 81 8.46 -9.08 15.57
C LEU C 81 9.00 -10.50 15.32
N VAL C 82 10.30 -10.63 15.06
CA VAL C 82 10.90 -11.92 14.74
C VAL C 82 10.79 -12.89 15.91
N MET C 83 11.09 -12.41 17.12
CA MET C 83 10.94 -13.26 18.29
C MET C 83 9.52 -13.79 18.39
N ASN C 84 8.53 -12.90 18.31
CA ASN C 84 7.15 -13.32 18.58
C ASN C 84 6.65 -14.27 17.49
N MET C 85 7.03 -14.02 16.24
CA MET C 85 6.57 -14.90 15.18
C MET C 85 7.20 -16.28 15.31
N LEU C 86 8.49 -16.32 15.69
CA LEU C 86 9.19 -17.58 15.83
C LEU C 86 8.67 -18.37 17.03
N LYS C 87 8.55 -17.73 18.19
CA LYS C 87 7.99 -18.41 19.36
C LYS C 87 6.64 -19.05 19.07
N SER C 88 5.73 -18.29 18.49
CA SER C 88 4.36 -18.73 18.23
C SER C 88 4.24 -19.66 17.03
N SER C 89 5.34 -19.99 16.37
CA SER C 89 5.30 -20.95 15.28
C SER C 89 5.33 -22.39 15.78
N PHE C 90 5.65 -22.60 17.07
CA PHE C 90 5.83 -23.90 17.69
C PHE C 90 6.91 -24.71 17.00
N ALA C 91 7.91 -24.06 16.43
CA ALA C 91 8.96 -24.75 15.71
C ALA C 91 10.35 -24.50 16.29
N THR C 92 10.48 -23.75 17.38
CA THR C 92 11.81 -23.40 17.86
C THR C 92 11.93 -23.67 19.35
N CYS C 93 13.19 -23.74 19.82
CA CYS C 93 13.44 -23.86 21.25
C CYS C 93 14.48 -22.86 21.76
N VAL C 94 15.45 -22.47 20.91
CA VAL C 94 16.49 -21.51 21.28
C VAL C 94 16.58 -20.43 20.22
N LEU C 95 16.56 -19.17 20.65
CA LEU C 95 16.62 -18.02 19.75
C LEU C 95 17.77 -17.11 20.17
N VAL C 96 18.71 -16.90 19.23
CA VAL C 96 19.86 -16.04 19.43
C VAL C 96 19.75 -14.83 18.52
N SER C 97 19.84 -13.65 19.11
CA SER C 97 19.69 -12.38 18.41
C SER C 97 20.84 -11.44 18.74
N GLU C 98 21.25 -10.67 17.74
CA GLU C 98 22.20 -9.60 18.00
C GLU C 98 21.71 -8.68 19.11
N GLU C 99 20.39 -8.59 19.32
CA GLU C 99 19.74 -7.68 20.26
C GLU C 99 19.67 -8.21 21.68
N ASP C 100 20.07 -9.45 21.93
CA ASP C 100 19.86 -10.07 23.23
C ASP C 100 21.17 -10.62 23.76
N LYS C 101 21.44 -10.32 25.04
CA LYS C 101 22.74 -10.67 25.61
C LYS C 101 22.90 -12.18 25.74
N HIS C 102 21.85 -12.88 26.16
CA HIS C 102 21.85 -14.32 26.29
C HIS C 102 20.83 -14.94 25.35
N ALA C 103 21.06 -16.20 25.00
CA ALA C 103 20.09 -16.94 24.21
C ALA C 103 18.72 -16.93 24.90
N ILE C 104 17.68 -16.91 24.08
CA ILE C 104 16.30 -17.01 24.53
C ILE C 104 15.84 -18.46 24.47
N ILE C 105 15.27 -18.96 25.57
CA ILE C 105 14.73 -20.31 25.62
C ILE C 105 13.21 -20.21 25.48
N VAL C 106 12.68 -20.74 24.37
CA VAL C 106 11.24 -20.72 24.17
C VAL C 106 10.59 -21.56 25.25
N GLU C 107 9.49 -21.04 25.81
CA GLU C 107 8.78 -21.70 26.91
C GLU C 107 8.31 -23.10 26.51
N PRO C 108 8.08 -23.99 27.49
CA PRO C 108 7.84 -25.40 27.14
C PRO C 108 6.67 -25.65 26.19
N GLU C 109 5.53 -25.00 26.43
CA GLU C 109 4.32 -25.22 25.62
C GLU C 109 4.43 -24.73 24.18
N LYS C 110 5.44 -23.93 23.82
CA LYS C 110 5.58 -23.45 22.46
C LYS C 110 6.80 -24.00 21.73
N ARG C 111 7.42 -25.04 22.28
CA ARG C 111 8.69 -25.57 21.81
C ARG C 111 8.57 -26.46 20.57
N GLY C 112 9.61 -26.42 19.75
CA GLY C 112 9.82 -27.24 18.57
C GLY C 112 11.29 -27.54 18.47
N LYS C 113 11.78 -28.10 17.36
CA LYS C 113 13.13 -28.67 17.32
C LYS C 113 14.15 -27.78 16.63
N TYR C 114 13.88 -26.51 16.37
CA TYR C 114 14.81 -25.72 15.57
C TYR C 114 15.48 -24.63 16.39
N VAL C 115 16.70 -24.30 15.99
CA VAL C 115 17.50 -23.23 16.59
C VAL C 115 17.69 -22.17 15.51
N VAL C 116 17.45 -20.92 15.87
CA VAL C 116 17.48 -19.80 14.92
C VAL C 116 18.41 -18.74 15.47
N CYS C 117 19.40 -18.35 14.67
CA CYS C 117 20.28 -17.23 14.96
C CYS C 117 19.97 -16.13 13.95
N PHE C 118 19.72 -14.92 14.43
CA PHE C 118 19.31 -13.88 13.50
C PHE C 118 19.83 -12.52 13.93
N ASP C 119 20.08 -11.66 12.95
CA ASP C 119 20.33 -10.26 13.17
C ASP C 119 19.08 -9.52 12.70
N PRO C 120 18.22 -9.01 13.59
CA PRO C 120 16.88 -8.60 13.15
C PRO C 120 16.84 -7.36 12.26
N LEU C 121 17.80 -6.44 12.38
CA LEU C 121 17.77 -5.27 11.48
C LEU C 121 19.20 -4.80 11.27
N ASP C 122 19.95 -5.60 10.50
CA ASP C 122 21.36 -5.32 10.24
C ASP C 122 21.53 -4.04 9.41
N GLY C 123 22.44 -3.19 9.86
CA GLY C 123 22.72 -1.92 9.24
C GLY C 123 22.06 -0.74 9.93
N SER C 124 21.22 -0.99 10.94
CA SER C 124 20.33 0.02 11.50
C SER C 124 21.03 1.12 12.31
N SER C 125 22.31 0.95 12.67
CA SER C 125 23.03 2.03 13.34
C SER C 125 23.08 3.31 12.49
N ASN C 126 22.99 3.16 11.17
CA ASN C 126 22.98 4.31 10.25
C ASN C 126 21.68 4.43 9.46
N ILE C 127 20.57 3.95 10.01
CA ILE C 127 19.32 4.03 9.27
C ILE C 127 18.82 5.45 9.12
N ASP C 128 19.40 6.39 9.86
CA ASP C 128 19.08 7.81 9.68
C ASP C 128 19.47 8.33 8.30
N CYS C 129 20.41 7.69 7.62
CA CYS C 129 20.72 8.12 6.27
C CYS C 129 19.95 7.29 5.26
N LEU C 130 19.03 6.43 5.75
CA LEU C 130 18.16 5.61 4.91
C LEU C 130 18.97 4.62 4.07
N VAL C 131 20.14 4.24 4.59
CA VAL C 131 20.89 3.15 4.00
C VAL C 131 20.04 1.87 4.02
N SER C 132 20.25 1.03 3.01
CA SER C 132 19.63 -0.29 2.98
C SER C 132 19.96 -1.07 4.24
N VAL C 133 18.93 -1.73 4.79
CA VAL C 133 19.06 -2.56 5.97
C VAL C 133 18.49 -3.95 5.69
N GLY C 134 18.64 -4.84 6.66
CA GLY C 134 18.24 -6.20 6.37
C GLY C 134 18.03 -7.03 7.62
N THR C 135 17.44 -8.20 7.40
CA THR C 135 17.29 -9.22 8.43
C THR C 135 18.10 -10.43 7.98
N ILE C 136 18.95 -10.97 8.86
CA ILE C 136 19.79 -12.11 8.52
C ILE C 136 19.40 -13.24 9.44
N PHE C 137 19.35 -14.47 8.90
CA PHE C 137 18.89 -15.58 9.73
C PHE C 137 19.56 -16.89 9.32
N GLY C 138 19.78 -17.75 10.32
CA GLY C 138 20.31 -19.09 10.16
C GLY C 138 19.57 -20.09 11.04
N ILE C 139 19.31 -21.28 10.52
CA ILE C 139 18.45 -22.26 11.19
C ILE C 139 19.22 -23.57 11.34
N TYR C 140 19.27 -24.08 12.56
CA TYR C 140 19.88 -25.38 12.86
C TYR C 140 18.83 -26.30 13.45
N ARG C 141 19.08 -27.60 13.34
CA ARG C 141 18.33 -28.59 14.11
C ARG C 141 19.00 -28.77 15.46
N LYS C 142 18.19 -28.81 16.51
CA LYS C 142 18.68 -29.06 17.86
C LYS C 142 19.38 -30.41 17.91
N LYS C 143 20.64 -30.41 18.39
CA LYS C 143 21.53 -31.56 18.34
C LYS C 143 21.61 -32.32 19.67
N SER C 144 20.82 -31.93 20.66
CA SER C 144 20.85 -32.59 21.95
C SER C 144 19.47 -33.11 22.31
N THR C 145 19.44 -33.87 23.41
CA THR C 145 18.20 -34.33 24.03
C THR C 145 17.94 -33.67 25.38
N ASP C 146 18.96 -33.01 25.93
CA ASP C 146 18.88 -32.33 27.22
C ASP C 146 17.81 -31.26 27.24
N GLU C 147 17.63 -30.60 28.37
CA GLU C 147 16.85 -29.38 28.36
C GLU C 147 17.58 -28.38 27.45
N PRO C 148 16.86 -27.66 26.59
CA PRO C 148 17.53 -26.76 25.65
C PRO C 148 18.20 -25.60 26.37
N SER C 149 19.30 -25.14 25.80
CA SER C 149 20.08 -24.08 26.42
C SER C 149 20.93 -23.41 25.36
N GLU C 150 21.61 -22.34 25.77
CA GLU C 150 22.55 -21.62 24.91
C GLU C 150 23.52 -22.58 24.24
N LYS C 151 23.79 -23.75 24.85
CA LYS C 151 24.71 -24.70 24.26
C LYS C 151 24.27 -25.10 22.85
N ASP C 152 22.95 -25.11 22.61
CA ASP C 152 22.39 -25.58 21.34
C ASP C 152 22.69 -24.66 20.16
N ALA C 153 23.03 -23.40 20.40
CA ALA C 153 23.34 -22.46 19.33
C ALA C 153 24.80 -22.50 18.90
N LEU C 154 25.65 -23.27 19.58
CA LEU C 154 27.08 -23.29 19.27
C LEU C 154 27.46 -24.35 18.24
N GLN C 155 26.67 -24.52 17.20
CA GLN C 155 27.04 -25.39 16.11
C GLN C 155 27.75 -24.62 14.99
N PRO C 156 28.61 -25.30 14.26
CA PRO C 156 29.24 -24.67 13.11
C PRO C 156 28.29 -24.53 11.93
N GLY C 157 28.70 -23.69 10.99
CA GLY C 157 27.89 -23.42 9.82
C GLY C 157 27.53 -24.66 9.04
N ARG C 158 28.43 -25.65 8.98
CA ARG C 158 28.17 -26.86 8.17
C ARG C 158 26.88 -27.56 8.60
N ASN C 159 26.45 -27.40 9.86
CA ASN C 159 25.21 -27.97 10.37
C ASN C 159 23.97 -27.20 9.96
N LEU C 160 24.12 -26.09 9.22
CA LEU C 160 22.98 -25.27 8.86
C LEU C 160 21.98 -26.04 8.03
N VAL C 161 20.72 -25.93 8.44
CA VAL C 161 19.60 -26.50 7.70
C VAL C 161 19.07 -25.53 6.65
N ALA C 162 19.10 -24.22 6.95
CA ALA C 162 18.60 -23.17 6.08
C ALA C 162 19.15 -21.85 6.58
N ALA C 163 19.41 -20.94 5.64
CA ALA C 163 19.97 -19.64 6.00
C ALA C 163 19.68 -18.66 4.89
N GLY C 164 19.67 -17.38 5.24
CA GLY C 164 19.42 -16.37 4.23
C GLY C 164 19.12 -15.02 4.85
N TYR C 165 18.60 -14.13 4.01
CA TYR C 165 18.35 -12.78 4.47
C TYR C 165 17.19 -12.14 3.72
N ALA C 166 16.60 -11.15 4.35
CA ALA C 166 15.73 -10.21 3.65
C ALA C 166 16.45 -8.87 3.57
N LEU C 167 16.56 -8.33 2.37
CA LEU C 167 17.12 -7.01 2.14
C LEU C 167 15.99 -5.99 1.96
N TYR C 168 15.99 -4.94 2.78
CA TYR C 168 15.06 -3.81 2.64
C TYR C 168 15.81 -2.71 1.89
N GLY C 169 15.85 -2.84 0.57
CA GLY C 169 16.56 -1.90 -0.27
C GLY C 169 15.62 -1.02 -1.08
N SER C 170 15.97 -0.79 -2.35
CA SER C 170 15.06 -0.08 -3.23
C SER C 170 13.75 -0.82 -3.38
N ALA C 171 13.80 -2.15 -3.30
CA ALA C 171 12.64 -3.01 -3.10
C ALA C 171 13.01 -4.02 -2.03
N THR C 172 12.05 -4.83 -1.59
CA THR C 172 12.32 -5.76 -0.49
C THR C 172 12.38 -7.17 -1.04
N MET C 173 13.52 -7.81 -0.88
CA MET C 173 13.75 -9.14 -1.42
C MET C 173 14.20 -10.09 -0.33
N LEU C 174 13.57 -11.27 -0.29
CA LEU C 174 14.00 -12.36 0.59
C LEU C 174 14.78 -13.38 -0.23
N VAL C 175 15.98 -13.67 0.23
CA VAL C 175 16.87 -14.65 -0.37
C VAL C 175 16.98 -15.82 0.58
N LEU C 176 16.53 -16.99 0.15
CA LEU C 176 16.44 -18.18 0.99
C LEU C 176 17.36 -19.24 0.40
N ALA C 177 18.28 -19.74 1.22
CA ALA C 177 19.21 -20.78 0.81
C ALA C 177 18.90 -22.05 1.59
N MET C 178 18.85 -23.18 0.89
CA MET C 178 18.64 -24.49 1.49
C MET C 178 19.53 -25.51 0.77
N ASP C 179 19.32 -26.80 1.07
CA ASP C 179 20.11 -27.79 0.36
C ASP C 179 19.79 -27.77 -1.12
N CYS C 180 18.54 -27.45 -1.47
CA CYS C 180 18.14 -27.36 -2.87
C CYS C 180 18.73 -26.16 -3.60
N GLY C 181 19.42 -25.24 -2.91
CA GLY C 181 20.07 -24.08 -3.54
C GLY C 181 19.47 -22.77 -3.08
N VAL C 182 19.82 -21.71 -3.79
CA VAL C 182 19.45 -20.33 -3.41
C VAL C 182 18.32 -19.86 -4.30
N ASN C 183 17.26 -19.32 -3.69
CA ASN C 183 16.15 -18.75 -4.43
C ASN C 183 15.84 -17.34 -3.91
N CYS C 184 15.48 -16.43 -4.81
CA CYS C 184 15.27 -15.01 -4.51
C CYS C 184 13.81 -14.63 -4.73
N PHE C 185 13.19 -14.02 -3.71
CA PHE C 185 11.77 -13.65 -3.75
C PHE C 185 11.60 -12.15 -3.57
N MET C 186 10.83 -11.53 -4.45
CA MET C 186 10.56 -10.11 -4.42
C MET C 186 9.21 -9.86 -3.74
N LEU C 187 9.20 -8.93 -2.79
CA LEU C 187 7.97 -8.60 -2.08
C LEU C 187 7.16 -7.66 -2.95
N ASP C 188 5.98 -8.09 -3.32
CA ASP C 188 5.00 -7.26 -4.00
C ASP C 188 4.16 -6.56 -2.94
N PRO C 189 4.43 -5.28 -2.65
CA PRO C 189 3.70 -4.60 -1.59
C PRO C 189 2.21 -4.47 -1.88
N ALA C 190 1.80 -4.45 -3.16
CA ALA C 190 0.39 -4.29 -3.51
C ALA C 190 -0.47 -5.42 -2.95
N ILE C 191 0.10 -6.63 -2.77
CA ILE C 191 -0.65 -7.79 -2.34
C ILE C 191 -0.01 -8.51 -1.15
N GLY C 192 1.13 -8.04 -0.66
CA GLY C 192 1.77 -8.70 0.45
C GLY C 192 2.12 -10.14 0.18
N GLU C 193 2.86 -10.38 -0.90
CA GLU C 193 3.26 -11.73 -1.27
C GLU C 193 4.71 -11.69 -1.76
N PHE C 194 5.50 -12.68 -1.39
CA PHE C 194 6.84 -12.81 -1.94
C PHE C 194 6.77 -13.60 -3.25
N ILE C 195 7.13 -12.97 -4.37
CA ILE C 195 7.06 -13.59 -5.70
C ILE C 195 8.43 -14.14 -6.07
N LEU C 196 8.47 -15.42 -6.44
CA LEU C 196 9.74 -16.03 -6.84
C LEU C 196 10.21 -15.43 -8.15
N VAL C 197 11.41 -14.85 -8.15
CA VAL C 197 11.87 -14.13 -9.35
C VAL C 197 13.24 -14.62 -9.81
N ASP C 198 13.92 -15.43 -9.01
CA ASP C 198 15.23 -15.94 -9.39
C ASP C 198 15.42 -17.35 -8.85
N LYS C 199 15.38 -18.32 -9.75
CA LYS C 199 15.45 -19.73 -9.41
C LYS C 199 16.90 -20.19 -9.41
N ASP C 200 17.31 -20.85 -8.32
CA ASP C 200 18.58 -21.58 -8.22
C ASP C 200 19.76 -20.75 -8.71
N VAL C 201 20.00 -19.67 -7.97
CA VAL C 201 20.94 -18.65 -8.38
C VAL C 201 22.39 -19.13 -8.23
N LYS C 202 23.26 -18.69 -9.13
CA LYS C 202 24.69 -19.01 -9.09
C LYS C 202 25.51 -17.74 -9.30
N ILE C 203 26.57 -17.63 -8.57
CA ILE C 203 27.42 -16.45 -8.60
C ILE C 203 28.45 -16.59 -9.72
N LYS C 204 28.84 -15.45 -10.31
CA LYS C 204 29.91 -15.44 -11.30
C LYS C 204 31.16 -16.14 -10.78
N LYS C 205 31.92 -16.74 -11.70
CA LYS C 205 33.19 -17.34 -11.28
C LYS C 205 34.15 -16.28 -10.80
N LYS C 206 34.15 -15.12 -11.44
CA LYS C 206 35.05 -14.03 -11.08
C LYS C 206 34.36 -12.71 -11.36
N GLY C 207 34.50 -11.76 -10.44
CA GLY C 207 33.86 -10.46 -10.55
C GLY C 207 34.82 -9.32 -10.83
N LYS C 208 34.23 -8.13 -10.91
CA LYS C 208 34.96 -6.90 -11.22
C LYS C 208 34.77 -5.81 -10.16
N ILE C 209 34.39 -6.18 -8.93
CA ILE C 209 34.17 -5.22 -7.85
C ILE C 209 34.73 -5.79 -6.55
N TYR C 210 35.40 -4.94 -5.76
CA TYR C 210 35.89 -5.31 -4.43
C TYR C 210 35.29 -4.36 -3.39
N SER C 211 35.04 -4.91 -2.20
CA SER C 211 34.18 -4.26 -1.21
C SER C 211 34.77 -4.40 0.18
N LEU C 212 35.24 -3.29 0.74
CA LEU C 212 35.66 -3.23 2.12
C LEU C 212 35.83 -1.77 2.50
N ASN C 213 35.97 -1.52 3.80
CA ASN C 213 36.23 -0.19 4.32
C ASN C 213 37.73 0.06 4.27
N GLU C 214 38.17 0.86 3.31
CA GLU C 214 39.58 1.16 3.13
C GLU C 214 40.03 2.32 4.00
N GLY C 215 39.12 2.93 4.76
CA GLY C 215 39.54 3.90 5.75
C GLY C 215 40.33 3.30 6.90
N TYR C 216 40.18 2.00 7.12
CA TYR C 216 40.98 1.21 8.06
C TYR C 216 42.34 0.78 7.47
N ALA C 217 42.86 1.51 6.48
CA ALA C 217 43.98 1.02 5.69
C ALA C 217 45.24 0.86 6.54
N LYS C 218 45.46 1.77 7.48
CA LYS C 218 46.68 1.70 8.27
C LYS C 218 46.72 0.45 9.16
N ASP C 219 45.59 -0.22 9.35
CA ASP C 219 45.55 -1.41 10.18
C ASP C 219 45.49 -2.72 9.40
N PHE C 220 45.56 -2.67 8.06
CA PHE C 220 45.36 -3.88 7.28
C PHE C 220 46.40 -4.95 7.58
N ASP C 221 45.94 -6.20 7.58
CA ASP C 221 46.85 -7.32 7.41
C ASP C 221 47.70 -7.09 6.16
N PRO C 222 48.98 -7.44 6.18
CA PRO C 222 49.80 -7.26 4.96
C PRO C 222 49.27 -8.03 3.75
N ALA C 223 48.54 -9.13 3.96
CA ALA C 223 47.95 -9.84 2.84
C ALA C 223 46.76 -9.07 2.25
N VAL C 224 45.94 -8.46 3.10
CA VAL C 224 44.88 -7.61 2.58
C VAL C 224 45.49 -6.43 1.83
N THR C 225 46.52 -5.82 2.42
CA THR C 225 47.18 -4.67 1.79
C THR C 225 47.68 -5.04 0.39
N GLU C 226 48.22 -6.24 0.23
CA GLU C 226 48.70 -6.58 -1.10
C GLU C 226 47.55 -6.94 -2.03
N TYR C 227 46.56 -7.68 -1.53
CA TYR C 227 45.46 -8.09 -2.38
C TYR C 227 44.70 -6.89 -2.92
N ILE C 228 44.38 -5.92 -2.05
CA ILE C 228 43.71 -4.71 -2.48
C ILE C 228 44.59 -3.94 -3.46
N GLN C 229 45.89 -3.89 -3.19
CA GLN C 229 46.83 -3.29 -4.12
C GLN C 229 46.74 -3.95 -5.49
N ARG C 230 46.64 -5.29 -5.52
CA ARG C 230 46.53 -6.01 -6.79
C ARG C 230 45.24 -5.68 -7.53
N LYS C 231 44.18 -5.31 -6.82
CA LYS C 231 42.92 -4.99 -7.49
C LYS C 231 42.94 -3.58 -8.07
N LYS C 232 43.51 -2.61 -7.35
CA LYS C 232 43.60 -1.26 -7.86
C LYS C 232 44.61 -1.16 -9.00
N PHE C 233 45.71 -1.90 -8.89
CA PHE C 233 46.79 -1.89 -9.86
C PHE C 233 47.02 -3.32 -10.32
N PRO C 234 46.34 -3.76 -11.38
CA PRO C 234 46.39 -5.16 -11.75
C PRO C 234 47.74 -5.51 -12.35
N PRO C 235 48.34 -6.64 -11.93
CA PRO C 235 49.58 -7.11 -12.55
C PRO C 235 49.38 -7.54 -13.99
N ASP C 236 48.39 -8.38 -14.23
CA ASP C 236 48.18 -9.00 -15.54
C ASP C 236 47.50 -8.07 -16.54
N ASN C 237 47.80 -6.78 -16.49
CA ASN C 237 47.46 -5.79 -17.51
C ASN C 237 45.96 -5.64 -17.73
N SER C 238 45.14 -6.18 -16.83
CA SER C 238 43.69 -6.10 -16.99
C SER C 238 43.17 -4.78 -16.41
N ALA C 239 41.87 -4.54 -16.58
CA ALA C 239 41.29 -3.32 -16.04
C ALA C 239 41.15 -3.42 -14.53
N PRO C 240 41.31 -2.31 -13.81
CA PRO C 240 41.17 -2.35 -12.35
C PRO C 240 39.73 -2.60 -11.93
N TYR C 241 39.59 -3.20 -10.75
CA TYR C 241 38.27 -3.48 -10.19
C TYR C 241 37.59 -2.21 -9.73
N GLY C 242 36.27 -2.20 -9.78
CA GLY C 242 35.51 -1.14 -9.15
C GLY C 242 35.42 -1.34 -7.63
N ALA C 243 35.26 -0.23 -6.93
CA ALA C 243 35.11 -0.25 -5.48
C ALA C 243 33.67 0.09 -5.11
N ARG C 244 33.08 -0.70 -4.22
CA ARG C 244 31.75 -0.44 -3.68
C ARG C 244 31.74 -0.86 -2.22
N TYR C 245 31.21 0.01 -1.35
CA TYR C 245 31.06 -0.39 0.05
C TYR C 245 29.95 0.48 0.63
N VAL C 246 28.77 -0.11 0.77
CA VAL C 246 27.62 0.57 1.34
C VAL C 246 27.78 0.75 2.85
N GLY C 247 28.56 -0.12 3.49
CA GLY C 247 28.68 -0.12 4.94
C GLY C 247 27.62 -0.94 5.63
N SER C 248 26.77 -1.63 4.88
CA SER C 248 25.70 -2.45 5.40
C SER C 248 25.86 -3.84 4.81
N MET C 249 26.09 -4.84 5.68
CA MET C 249 26.53 -6.14 5.19
C MET C 249 25.56 -6.72 4.18
N VAL C 250 24.26 -6.67 4.50
CA VAL C 250 23.27 -7.30 3.62
C VAL C 250 23.33 -6.68 2.23
N ALA C 251 23.43 -5.35 2.15
CA ALA C 251 23.51 -4.70 0.84
C ALA C 251 24.79 -5.11 0.11
N ASP C 252 25.94 -5.07 0.81
CA ASP C 252 27.21 -5.40 0.15
C ASP C 252 27.27 -6.87 -0.26
N VAL C 253 26.79 -7.78 0.61
CA VAL C 253 26.74 -9.22 0.29
C VAL C 253 25.77 -9.49 -0.86
N HIS C 254 24.63 -8.79 -0.89
CA HIS C 254 23.68 -9.03 -1.97
C HIS C 254 24.24 -8.57 -3.31
N ARG C 255 24.85 -7.39 -3.37
CA ARG C 255 25.51 -6.97 -4.60
C ARG C 255 26.55 -7.99 -5.05
N THR C 256 27.31 -8.56 -4.09
CA THR C 256 28.30 -9.56 -4.45
C THR C 256 27.64 -10.81 -5.02
N LEU C 257 26.44 -11.15 -4.52
CA LEU C 257 25.73 -12.29 -5.08
C LEU C 257 25.19 -11.98 -6.48
N VAL C 258 24.60 -10.80 -6.67
CA VAL C 258 23.95 -10.50 -7.94
C VAL C 258 24.98 -10.17 -9.02
N TYR C 259 26.02 -9.41 -8.68
CA TYR C 259 26.97 -8.91 -9.66
C TYR C 259 28.31 -9.62 -9.63
N GLY C 260 28.54 -10.51 -8.67
CA GLY C 260 29.83 -11.13 -8.50
C GLY C 260 30.81 -10.17 -7.84
N GLY C 261 31.99 -10.70 -7.50
CA GLY C 261 33.01 -9.92 -6.82
C GLY C 261 33.41 -10.44 -5.45
N ILE C 262 34.01 -9.59 -4.62
CA ILE C 262 34.53 -10.00 -3.32
C ILE C 262 34.18 -8.96 -2.26
N PHE C 263 33.88 -9.45 -1.06
CA PHE C 263 33.52 -8.65 0.10
C PHE C 263 34.45 -9.02 1.24
N LEU C 264 34.95 -8.02 1.95
CA LEU C 264 35.95 -8.32 2.97
C LEU C 264 35.67 -7.51 4.23
N TYR C 265 35.63 -8.19 5.36
CA TYR C 265 35.72 -7.57 6.67
C TYR C 265 36.68 -8.43 7.46
N PRO C 266 38.01 -8.23 7.25
CA PRO C 266 39.03 -9.20 7.67
C PRO C 266 39.64 -8.92 9.04
N ALA C 267 40.47 -9.84 9.51
CA ALA C 267 41.24 -9.66 10.73
C ALA C 267 42.41 -8.70 10.52
N ASN C 268 42.58 -7.75 11.45
CA ASN C 268 43.74 -6.88 11.46
C ASN C 268 44.59 -7.20 12.70
N LYS C 269 45.46 -6.27 13.09
CA LYS C 269 46.25 -6.48 14.30
C LYS C 269 45.46 -6.06 15.54
N LYS C 270 44.73 -4.94 15.46
CA LYS C 270 43.89 -4.49 16.57
C LYS C 270 42.61 -5.32 16.75
N SER C 271 42.22 -6.11 15.74
CA SER C 271 41.03 -6.97 15.82
C SER C 271 41.33 -8.31 15.16
N PRO C 272 41.94 -9.24 15.91
CA PRO C 272 42.33 -10.54 15.32
C PRO C 272 41.15 -11.41 14.91
N ASN C 273 39.94 -11.08 15.31
CA ASN C 273 38.75 -11.85 14.96
C ASN C 273 37.78 -11.07 14.09
N GLY C 274 38.23 -9.99 13.44
CA GLY C 274 37.26 -9.20 12.70
C GLY C 274 36.21 -8.60 13.63
N LYS C 275 35.11 -8.15 13.02
CA LYS C 275 34.03 -7.55 13.82
C LYS C 275 32.65 -8.13 13.52
N LEU C 276 32.44 -8.65 12.32
CA LEU C 276 31.14 -9.23 12.03
C LEU C 276 30.91 -10.46 12.88
N ARG C 277 29.69 -10.61 13.39
CA ARG C 277 29.39 -11.71 14.29
C ARG C 277 29.21 -13.03 13.53
N LEU C 278 29.70 -14.12 14.15
CA LEU C 278 29.78 -15.39 13.44
C LEU C 278 28.41 -16.05 13.29
N LEU C 279 27.60 -16.08 14.36
CA LEU C 279 26.40 -16.90 14.32
C LEU C 279 25.34 -16.30 13.43
N TYR C 280 25.18 -14.98 13.43
CA TYR C 280 24.04 -14.37 12.75
C TYR C 280 24.44 -13.34 11.70
N GLU C 281 25.67 -13.38 11.20
CA GLU C 281 26.03 -12.58 10.04
C GLU C 281 26.91 -13.40 9.13
N CYS C 282 28.06 -13.86 9.65
CA CYS C 282 29.02 -14.60 8.85
C CYS C 282 28.46 -15.93 8.39
N ASN C 283 27.88 -16.71 9.32
CA ASN C 283 27.38 -18.05 8.96
C ASN C 283 26.29 -18.00 7.90
N PRO C 284 25.18 -17.27 8.09
CA PRO C 284 24.17 -17.25 7.03
C PRO C 284 24.69 -16.78 5.68
N MET C 285 25.50 -15.71 5.65
CA MET C 285 26.05 -15.24 4.38
C MET C 285 26.98 -16.29 3.77
N ALA C 286 27.80 -16.95 4.60
CA ALA C 286 28.65 -18.04 4.11
C ALA C 286 27.81 -19.18 3.50
N TYR C 287 26.70 -19.55 4.15
CA TYR C 287 25.85 -20.64 3.67
C TYR C 287 25.19 -20.29 2.33
N VAL C 288 24.60 -19.09 2.25
CA VAL C 288 24.08 -18.59 0.97
C VAL C 288 25.20 -18.58 -0.07
N MET C 289 26.37 -18.08 0.31
CA MET C 289 27.49 -18.01 -0.61
C MET C 289 27.89 -19.40 -1.10
N GLU C 290 28.01 -20.38 -0.20
CA GLU C 290 28.42 -21.69 -0.66
C GLU C 290 27.31 -22.36 -1.47
N LYS C 291 26.06 -22.31 -1.01
CA LYS C 291 24.99 -22.93 -1.78
C LYS C 291 24.84 -22.31 -3.17
N ALA C 292 25.40 -21.12 -3.39
CA ALA C 292 25.27 -20.41 -4.65
C ALA C 292 26.52 -20.47 -5.50
N GLY C 293 27.45 -21.36 -5.17
CA GLY C 293 28.65 -21.56 -5.97
C GLY C 293 29.80 -20.64 -5.64
N GLY C 294 29.79 -20.00 -4.48
CA GLY C 294 30.85 -19.10 -4.07
C GLY C 294 31.56 -19.58 -2.82
N MET C 295 32.41 -18.73 -2.23
CA MET C 295 33.19 -19.12 -1.08
C MET C 295 33.14 -18.04 -0.01
N ALA C 296 33.51 -18.44 1.21
CA ALA C 296 33.55 -17.55 2.37
C ALA C 296 34.54 -18.12 3.37
N THR C 297 35.59 -17.35 3.67
CA THR C 297 36.72 -17.81 4.48
C THR C 297 37.03 -16.84 5.61
N THR C 298 37.52 -17.40 6.71
CA THR C 298 38.12 -16.59 7.75
C THR C 298 39.53 -16.16 7.38
N GLY C 299 40.09 -16.69 6.30
CA GLY C 299 41.51 -16.55 6.01
C GLY C 299 42.24 -17.86 6.22
N LYS C 300 42.00 -18.49 7.37
CA LYS C 300 42.63 -19.73 7.79
C LYS C 300 41.80 -20.95 7.48
N GLU C 301 40.49 -20.85 7.64
CA GLU C 301 39.55 -21.92 7.41
C GLU C 301 38.32 -21.33 6.73
N ALA C 302 37.48 -22.21 6.16
CA ALA C 302 36.21 -21.73 5.63
C ALA C 302 35.29 -21.35 6.79
N VAL C 303 34.52 -20.29 6.60
CA VAL C 303 33.71 -19.73 7.70
C VAL C 303 32.80 -20.80 8.30
N LEU C 304 32.21 -21.65 7.45
CA LEU C 304 31.26 -22.65 7.95
C LEU C 304 31.91 -23.73 8.81
N ASP C 305 33.23 -23.84 8.80
CA ASP C 305 33.93 -24.86 9.57
C ASP C 305 34.38 -24.38 10.95
N VAL C 306 34.10 -23.14 11.33
CA VAL C 306 34.47 -22.65 12.66
C VAL C 306 33.47 -23.17 13.68
N ILE C 307 33.97 -23.75 14.76
CA ILE C 307 33.12 -24.18 15.88
C ILE C 307 33.16 -23.07 16.92
N PRO C 308 32.04 -22.44 17.22
CA PRO C 308 32.06 -21.30 18.16
C PRO C 308 31.99 -21.73 19.62
N THR C 309 32.54 -20.87 20.47
CA THR C 309 32.44 -21.05 21.91
C THR C 309 31.58 -20.01 22.61
N ASP C 310 31.21 -18.92 21.93
CA ASP C 310 30.31 -17.89 22.47
C ASP C 310 29.41 -17.36 21.36
N ILE C 311 28.13 -17.14 21.68
CA ILE C 311 27.15 -16.86 20.63
C ILE C 311 27.37 -15.49 19.99
N HIS C 312 27.97 -14.55 20.70
CA HIS C 312 28.19 -13.22 20.15
C HIS C 312 29.61 -13.01 19.71
N GLN C 313 30.35 -14.09 19.51
CA GLN C 313 31.73 -14.00 19.09
C GLN C 313 31.86 -13.51 17.66
N ARG C 314 32.99 -12.92 17.36
CA ARG C 314 33.26 -12.35 16.05
C ARG C 314 34.00 -13.35 15.18
N ALA C 315 34.12 -13.02 13.89
CA ALA C 315 34.80 -13.84 12.92
C ALA C 315 35.19 -12.98 11.73
N PRO C 316 36.38 -13.15 11.19
CA PRO C 316 36.71 -12.49 9.92
C PRO C 316 35.99 -13.19 8.79
N VAL C 317 35.73 -12.45 7.72
CA VAL C 317 35.02 -13.06 6.59
C VAL C 317 35.49 -12.38 5.30
N ILE C 318 35.83 -13.21 4.32
CA ILE C 318 36.07 -12.80 2.95
C ILE C 318 35.24 -13.74 2.09
N LEU C 319 34.28 -13.19 1.37
CA LEU C 319 33.35 -14.03 0.64
C LEU C 319 33.09 -13.46 -0.74
N GLY C 320 32.54 -14.32 -1.62
CA GLY C 320 32.16 -13.89 -2.95
C GLY C 320 32.45 -14.90 -4.03
N SER C 321 32.74 -14.41 -5.23
CA SER C 321 33.03 -15.29 -6.36
C SER C 321 34.22 -16.21 -6.06
N PRO C 322 34.17 -17.46 -6.53
CA PRO C 322 35.23 -18.42 -6.17
C PRO C 322 36.62 -18.02 -6.63
N ASP C 323 36.77 -17.46 -7.83
CA ASP C 323 38.10 -17.08 -8.30
C ASP C 323 38.70 -15.95 -7.47
N ASP C 324 37.86 -15.03 -6.97
CA ASP C 324 38.40 -13.89 -6.23
C ASP C 324 38.82 -14.28 -4.83
N VAL C 325 38.05 -15.15 -4.18
CA VAL C 325 38.45 -15.58 -2.85
C VAL C 325 39.70 -16.45 -2.94
N LEU C 326 39.79 -17.28 -3.99
CA LEU C 326 41.00 -18.07 -4.21
C LEU C 326 42.21 -17.19 -4.43
N GLU C 327 42.10 -16.21 -5.33
CA GLU C 327 43.21 -15.29 -5.58
C GLU C 327 43.65 -14.61 -4.29
N PHE C 328 42.70 -14.26 -3.43
CA PHE C 328 43.04 -13.67 -2.14
C PHE C 328 43.76 -14.67 -1.25
N LEU C 329 43.30 -15.92 -1.24
CA LEU C 329 43.92 -16.89 -0.36
C LEU C 329 45.37 -17.15 -0.76
N LYS C 330 45.65 -17.19 -2.07
CA LYS C 330 47.04 -17.29 -2.52
C LYS C 330 47.89 -16.18 -1.93
N VAL C 331 47.36 -14.97 -1.87
CA VAL C 331 48.09 -13.87 -1.26
C VAL C 331 48.15 -14.07 0.25
N TYR C 332 47.10 -14.60 0.86
CA TYR C 332 47.11 -14.81 2.30
C TYR C 332 48.12 -15.88 2.68
N GLU C 333 48.23 -16.95 1.89
CA GLU C 333 49.22 -17.99 2.18
C GLU C 333 50.63 -17.52 1.84
N LYS C 334 50.77 -16.58 0.90
CA LYS C 334 52.08 -15.98 0.70
C LYS C 334 52.58 -15.27 1.95
N HIS C 335 51.68 -14.66 2.73
CA HIS C 335 52.03 -14.03 4.00
C HIS C 335 51.82 -14.94 5.22
N SER C 336 51.76 -16.26 5.01
CA SER C 336 51.57 -17.23 6.10
C SER C 336 50.36 -16.89 6.99
N ASP D 10 2.39 20.65 15.43
CA ASP D 10 1.60 20.89 14.23
C ASP D 10 2.05 20.01 13.07
N VAL D 11 1.12 19.24 12.48
CA VAL D 11 1.51 18.37 11.38
C VAL D 11 1.75 19.20 10.13
N ASN D 12 2.81 18.88 9.41
CA ASN D 12 3.13 19.63 8.22
C ASN D 12 3.55 18.64 7.16
N THR D 13 2.96 18.80 5.99
CA THR D 13 3.19 17.96 4.82
C THR D 13 3.99 18.74 3.78
N LEU D 14 4.47 18.05 2.75
CA LEU D 14 5.10 18.76 1.66
C LEU D 14 4.10 19.70 1.00
N THR D 15 2.85 19.27 0.87
CA THR D 15 1.83 20.08 0.21
C THR D 15 1.56 21.37 0.99
N ARG D 16 1.43 21.24 2.33
CA ARG D 16 1.21 22.44 3.15
C ARG D 16 2.45 23.32 3.15
N PHE D 17 3.63 22.72 3.18
CA PHE D 17 4.86 23.50 3.22
C PHE D 17 5.03 24.31 1.94
N VAL D 18 4.79 23.67 0.80
CA VAL D 18 5.01 24.34 -0.48
C VAL D 18 3.97 25.44 -0.68
N MET D 19 2.72 25.17 -0.32
CA MET D 19 1.69 26.18 -0.50
C MET D 19 1.90 27.36 0.42
N GLU D 20 2.41 27.13 1.63
CA GLU D 20 2.60 28.23 2.55
C GLU D 20 3.74 29.12 2.09
N GLU D 21 4.82 28.54 1.54
CA GLU D 21 5.89 29.38 1.03
C GLU D 21 5.45 30.21 -0.17
N GLY D 22 4.60 29.63 -1.03
CA GLY D 22 4.07 30.38 -2.16
C GLY D 22 3.14 31.50 -1.74
N ARG D 23 2.29 31.24 -0.74
CA ARG D 23 1.41 32.29 -0.23
C ARG D 23 2.20 33.50 0.24
N LYS D 24 3.28 33.27 0.98
CA LYS D 24 4.09 34.36 1.50
C LYS D 24 4.83 35.09 0.40
N ALA D 25 5.20 34.39 -0.67
CA ALA D 25 5.89 35.05 -1.78
C ALA D 25 4.94 35.78 -2.71
N ARG D 26 3.64 35.48 -2.64
CA ARG D 26 2.63 36.15 -3.46
C ARG D 26 3.04 36.20 -4.93
N GLY D 27 3.40 35.03 -5.44
CA GLY D 27 3.76 34.87 -6.83
C GLY D 27 2.60 34.39 -7.68
N THR D 28 2.94 33.97 -8.89
CA THR D 28 1.93 33.51 -9.82
C THR D 28 1.23 32.23 -9.37
N GLY D 29 1.84 31.46 -8.46
CA GLY D 29 1.35 30.14 -8.10
C GLY D 29 1.92 29.00 -8.92
N GLU D 30 2.74 29.31 -9.94
CA GLU D 30 3.27 28.28 -10.82
C GLU D 30 4.20 27.33 -10.08
N LEU D 31 5.23 27.88 -9.41
CA LEU D 31 6.22 27.07 -8.72
C LEU D 31 5.59 26.16 -7.69
N THR D 32 4.42 26.53 -7.17
CA THR D 32 3.74 25.65 -6.22
C THR D 32 3.18 24.41 -6.92
N GLN D 33 2.48 24.61 -8.05
CA GLN D 33 1.97 23.48 -8.84
C GLN D 33 3.10 22.65 -9.44
N LEU D 34 4.22 23.28 -9.83
CA LEU D 34 5.35 22.51 -10.34
C LEU D 34 5.85 21.52 -9.29
N LEU D 35 6.15 22.03 -8.09
CA LEU D 35 6.66 21.15 -7.05
C LEU D 35 5.63 20.12 -6.64
N ASN D 36 4.34 20.52 -6.64
CA ASN D 36 3.31 19.55 -6.30
C ASN D 36 3.19 18.47 -7.37
N SER D 37 3.25 18.87 -8.66
CA SER D 37 3.24 17.88 -9.74
C SER D 37 4.46 16.97 -9.67
N LEU D 38 5.64 17.54 -9.43
CA LEU D 38 6.86 16.76 -9.39
C LEU D 38 6.83 15.76 -8.25
N CYS D 39 6.30 16.17 -7.09
CA CYS D 39 6.21 15.27 -5.94
C CYS D 39 5.28 14.09 -6.22
N THR D 40 4.20 14.33 -6.97
CA THR D 40 3.33 13.23 -7.38
C THR D 40 4.07 12.25 -8.28
N ALA D 41 4.90 12.76 -9.20
CA ALA D 41 5.74 11.88 -10.01
C ALA D 41 6.68 11.07 -9.13
N VAL D 42 7.22 11.69 -8.07
CA VAL D 42 8.11 10.99 -7.15
C VAL D 42 7.37 9.85 -6.42
N LYS D 43 6.09 10.07 -6.07
CA LYS D 43 5.36 9.01 -5.40
C LYS D 43 5.18 7.82 -6.32
N ALA D 44 4.92 8.08 -7.60
CA ALA D 44 4.73 7.02 -8.57
C ALA D 44 6.02 6.27 -8.83
N ILE D 45 7.14 7.00 -8.97
CA ILE D 45 8.42 6.33 -9.12
C ILE D 45 8.67 5.39 -7.96
N SER D 46 8.47 5.91 -6.73
CA SER D 46 8.70 5.10 -5.53
C SER D 46 7.89 3.82 -5.55
N SER D 47 6.61 3.91 -5.90
CA SER D 47 5.80 2.70 -5.97
C SER D 47 6.39 1.72 -6.96
N ALA D 48 6.83 2.21 -8.13
CA ALA D 48 7.40 1.32 -9.14
C ALA D 48 8.76 0.78 -8.69
N VAL D 49 9.57 1.59 -8.02
CA VAL D 49 10.91 1.14 -7.62
C VAL D 49 10.84 -0.03 -6.63
N ARG D 50 9.90 0.04 -5.68
CA ARG D 50 9.59 -1.00 -4.71
C ARG D 50 8.79 -2.15 -5.31
N LYS D 51 8.61 -2.20 -6.62
CA LYS D 51 8.11 -3.38 -7.32
C LYS D 51 6.64 -3.67 -6.98
N ALA D 52 5.83 -2.63 -6.88
CA ALA D 52 4.39 -2.87 -6.78
C ALA D 52 3.83 -3.45 -8.07
N GLY D 53 3.04 -4.52 -7.95
CA GLY D 53 2.46 -5.15 -9.13
C GLY D 53 3.38 -6.08 -9.89
N ILE D 54 4.57 -6.37 -9.35
CA ILE D 54 5.51 -7.23 -10.05
C ILE D 54 4.94 -8.63 -10.23
N ALA D 55 3.98 -9.01 -9.38
CA ALA D 55 3.33 -10.29 -9.51
C ALA D 55 2.65 -10.44 -10.87
N HIS D 56 2.27 -9.35 -11.51
CA HIS D 56 1.64 -9.46 -12.82
C HIS D 56 2.66 -9.72 -13.92
N LEU D 57 3.89 -9.20 -13.79
CA LEU D 57 4.94 -9.55 -14.75
C LEU D 57 5.33 -11.01 -14.66
N TYR D 58 4.99 -11.68 -13.57
CA TYR D 58 5.42 -13.05 -13.38
C TYR D 58 4.24 -14.03 -13.43
N GLY D 59 3.11 -13.61 -13.98
CA GLY D 59 2.09 -14.57 -14.36
C GLY D 59 1.05 -14.90 -13.31
N ILE D 60 0.86 -14.04 -12.30
CA ILE D 60 -0.16 -14.29 -11.29
C ILE D 60 -1.53 -14.46 -11.94
N ALA D 61 -1.77 -13.77 -13.06
CA ALA D 61 -3.03 -13.91 -13.77
C ALA D 61 -2.87 -14.63 -15.11
N GLY D 62 -1.70 -15.25 -15.37
CA GLY D 62 -1.44 -15.93 -16.63
C GLY D 62 -0.42 -15.30 -17.56
N LYS D 73 13.19 -0.42 -18.41
CA LYS D 73 11.86 0.14 -18.41
C LYS D 73 11.64 0.97 -17.15
N LEU D 74 12.40 0.68 -16.09
CA LEU D 74 12.14 1.40 -14.84
C LEU D 74 12.58 2.87 -14.94
N ASP D 75 13.73 3.14 -15.57
CA ASP D 75 14.16 4.52 -15.74
C ASP D 75 13.48 5.20 -16.93
N VAL D 76 12.88 4.44 -17.84
CA VAL D 76 11.99 5.04 -18.83
C VAL D 76 10.64 5.40 -18.20
N LEU D 77 10.11 4.53 -17.35
CA LEU D 77 8.85 4.85 -16.69
C LEU D 77 9.01 6.08 -15.81
N SER D 78 10.15 6.17 -15.10
CA SER D 78 10.41 7.33 -14.24
C SER D 78 10.53 8.60 -15.06
N ASN D 79 11.32 8.56 -16.13
CA ASN D 79 11.44 9.72 -16.99
C ASN D 79 10.11 10.13 -17.55
N ASP D 80 9.25 9.15 -17.86
CA ASP D 80 7.94 9.48 -18.40
C ASP D 80 7.09 10.17 -17.36
N LEU D 81 7.13 9.69 -16.11
CA LEU D 81 6.37 10.30 -15.03
C LEU D 81 6.76 11.75 -14.82
N VAL D 82 8.06 12.02 -14.66
CA VAL D 82 8.49 13.39 -14.43
C VAL D 82 8.16 14.25 -15.64
N MET D 83 8.40 13.75 -16.85
CA MET D 83 8.06 14.53 -18.05
C MET D 83 6.58 14.90 -18.08
N ASN D 84 5.71 13.90 -18.04
CA ASN D 84 4.31 14.19 -18.25
C ASN D 84 3.75 15.00 -17.10
N MET D 85 4.19 14.71 -15.87
CA MET D 85 3.72 15.47 -14.71
C MET D 85 4.20 16.92 -14.74
N LEU D 86 5.43 17.18 -15.19
CA LEU D 86 5.89 18.57 -15.28
C LEU D 86 5.15 19.32 -16.39
N LYS D 87 5.09 18.73 -17.60
CA LYS D 87 4.36 19.33 -18.72
C LYS D 87 2.94 19.73 -18.32
N SER D 88 2.19 18.79 -17.73
CA SER D 88 0.79 19.04 -17.43
C SER D 88 0.59 19.99 -16.27
N SER D 89 1.66 20.49 -15.65
CA SER D 89 1.58 21.44 -14.56
C SER D 89 1.36 22.87 -15.04
N PHE D 90 1.56 23.14 -16.33
CA PHE D 90 1.45 24.49 -16.90
C PHE D 90 2.41 25.47 -16.24
N ALA D 91 3.56 24.99 -15.76
CA ALA D 91 4.54 25.85 -15.10
C ALA D 91 5.92 25.79 -15.71
N THR D 92 6.14 25.06 -16.79
CA THR D 92 7.46 24.88 -17.34
C THR D 92 7.46 25.19 -18.83
N CYS D 93 8.65 25.42 -19.38
CA CYS D 93 8.78 25.66 -20.81
C CYS D 93 9.87 24.81 -21.46
N VAL D 94 10.92 24.49 -20.69
CA VAL D 94 12.04 23.66 -21.16
C VAL D 94 12.32 22.60 -20.10
N LEU D 95 12.46 21.35 -20.53
CA LEU D 95 12.70 20.21 -19.64
C LEU D 95 13.94 19.46 -20.11
N VAL D 96 14.92 19.32 -19.23
CA VAL D 96 16.16 18.60 -19.54
C VAL D 96 16.22 17.31 -18.72
N SER D 97 16.40 16.20 -19.38
CA SER D 97 16.37 14.90 -18.73
C SER D 97 17.65 14.15 -19.08
N GLU D 98 18.22 13.46 -18.09
CA GLU D 98 19.37 12.60 -18.35
C GLU D 98 19.05 11.57 -19.44
N GLU D 99 17.77 11.26 -19.60
CA GLU D 99 17.32 10.23 -20.52
C GLU D 99 17.10 10.76 -21.94
N ASP D 100 17.24 12.06 -22.16
CA ASP D 100 16.93 12.68 -23.45
C ASP D 100 18.12 13.47 -23.93
N LYS D 101 18.50 13.23 -25.18
CA LYS D 101 19.72 13.81 -25.73
C LYS D 101 19.60 15.32 -25.93
N HIS D 102 18.44 15.84 -26.31
CA HIS D 102 18.24 17.28 -26.41
C HIS D 102 17.08 17.76 -25.55
N ALA D 103 17.20 19.00 -25.09
CA ALA D 103 16.17 19.61 -24.25
C ALA D 103 14.81 19.55 -24.94
N ILE D 104 13.78 19.29 -24.14
CA ILE D 104 12.40 19.22 -24.59
C ILE D 104 11.75 20.57 -24.35
N ILE D 105 11.11 21.11 -25.37
CA ILE D 105 10.38 22.37 -25.26
C ILE D 105 8.90 22.05 -25.13
N VAL D 106 8.33 22.41 -23.99
CA VAL D 106 6.91 22.20 -23.77
C VAL D 106 6.12 22.98 -24.81
N GLU D 107 5.09 22.35 -25.34
CA GLU D 107 4.24 22.97 -26.35
C GLU D 107 3.59 24.24 -25.80
N PRO D 108 3.22 25.19 -26.68
CA PRO D 108 2.83 26.53 -26.18
C PRO D 108 1.65 26.56 -25.22
N GLU D 109 0.57 25.83 -25.50
CA GLU D 109 -0.63 25.91 -24.66
C GLU D 109 -0.41 25.39 -23.24
N LYS D 110 0.71 24.68 -22.98
CA LYS D 110 1.02 24.16 -21.66
C LYS D 110 2.22 24.85 -21.01
N ARG D 111 2.67 25.97 -21.56
CA ARG D 111 3.90 26.62 -21.11
C ARG D 111 3.72 27.42 -19.82
N GLY D 112 4.78 27.43 -19.03
CA GLY D 112 4.91 28.29 -17.86
C GLY D 112 6.35 28.76 -17.83
N LYS D 113 6.72 29.47 -16.77
CA LYS D 113 7.93 30.28 -16.86
C LYS D 113 9.16 29.61 -16.21
N TYR D 114 9.09 28.30 -15.93
CA TYR D 114 10.18 27.63 -15.22
C TYR D 114 10.88 26.60 -16.10
N VAL D 115 12.16 26.41 -15.79
CA VAL D 115 13.04 25.46 -16.46
C VAL D 115 13.47 24.42 -15.42
N VAL D 116 13.38 23.13 -15.78
CA VAL D 116 13.66 22.04 -14.86
C VAL D 116 14.69 21.09 -15.47
N CYS D 117 15.78 20.85 -14.76
CA CYS D 117 16.77 19.83 -15.12
C CYS D 117 16.61 18.67 -14.15
N PHE D 118 16.47 17.46 -14.67
CA PHE D 118 16.23 16.37 -13.74
C PHE D 118 16.87 15.08 -14.22
N ASP D 119 17.28 14.26 -13.24
CA ASP D 119 17.69 12.87 -13.45
C ASP D 119 16.62 11.95 -12.89
N PRO D 120 15.82 11.30 -13.73
CA PRO D 120 14.60 10.65 -13.21
C PRO D 120 14.86 9.44 -12.34
N LEU D 121 15.98 8.74 -12.54
CA LEU D 121 16.31 7.57 -11.71
C LEU D 121 17.84 7.41 -11.66
N ASP D 122 18.50 8.28 -10.90
CA ASP D 122 19.95 8.22 -10.80
C ASP D 122 20.38 6.96 -10.05
N GLY D 123 21.39 6.27 -10.59
CA GLY D 123 21.92 5.09 -9.97
C GLY D 123 21.40 3.77 -10.51
N SER D 124 20.48 3.82 -11.47
CA SER D 124 19.69 2.67 -11.89
C SER D 124 20.48 1.57 -12.59
N SER D 125 21.72 1.83 -13.04
CA SER D 125 22.52 0.74 -13.60
C SER D 125 22.74 -0.37 -12.59
N ASN D 126 22.74 -0.04 -11.29
CA ASN D 126 22.96 -1.02 -10.24
C ASN D 126 21.66 -1.36 -9.52
N ILE D 127 20.51 -1.08 -10.14
CA ILE D 127 19.24 -1.41 -9.51
C ILE D 127 18.95 -2.90 -9.55
N ASP D 128 19.72 -3.67 -10.31
CA ASP D 128 19.55 -5.11 -10.30
C ASP D 128 19.90 -5.70 -8.95
N CYS D 129 20.72 -5.00 -8.16
CA CYS D 129 21.09 -5.44 -6.83
C CYS D 129 20.32 -4.73 -5.72
N LEU D 130 19.32 -3.92 -6.07
CA LEU D 130 18.43 -3.28 -5.10
C LEU D 130 19.20 -2.29 -4.22
N VAL D 131 20.27 -1.71 -4.79
CA VAL D 131 20.92 -0.56 -4.18
C VAL D 131 19.96 0.63 -4.16
N SER D 132 20.17 1.54 -3.21
CA SER D 132 19.42 2.80 -3.22
C SER D 132 19.54 3.51 -4.56
N VAL D 133 18.43 4.07 -5.03
CA VAL D 133 18.40 4.90 -6.24
C VAL D 133 17.67 6.20 -5.89
N GLY D 134 17.62 7.13 -6.84
CA GLY D 134 17.07 8.43 -6.55
C GLY D 134 16.63 9.21 -7.76
N THR D 135 15.90 10.30 -7.49
CA THR D 135 15.49 11.25 -8.51
C THR D 135 16.09 12.61 -8.13
N ILE D 136 16.81 13.26 -9.05
CA ILE D 136 17.46 14.55 -8.78
C ILE D 136 16.88 15.61 -9.69
N PHE D 137 16.70 16.83 -9.18
CA PHE D 137 16.10 17.91 -9.97
C PHE D 137 16.62 19.29 -9.57
N GLY D 138 16.64 20.20 -10.54
CA GLY D 138 16.95 21.61 -10.33
C GLY D 138 16.03 22.51 -11.14
N ILE D 139 15.60 23.64 -10.56
CA ILE D 139 14.59 24.50 -11.17
C ILE D 139 15.13 25.91 -11.32
N TYR D 140 15.02 26.46 -12.55
CA TYR D 140 15.39 27.82 -12.89
C TYR D 140 14.16 28.56 -13.40
N ARG D 141 14.21 29.88 -13.31
CA ARG D 141 13.23 30.74 -13.98
C ARG D 141 13.75 31.07 -15.38
N LYS D 142 12.85 31.02 -16.37
CA LYS D 142 13.25 31.43 -17.71
C LYS D 142 13.72 32.89 -17.67
N LYS D 143 14.95 33.10 -18.13
CA LYS D 143 15.65 34.38 -18.05
C LYS D 143 15.60 35.17 -19.34
N SER D 144 15.71 34.48 -20.48
CA SER D 144 15.66 35.16 -21.77
C SER D 144 14.25 35.68 -22.03
N THR D 145 14.13 36.41 -23.14
CA THR D 145 12.84 36.92 -23.61
C THR D 145 12.37 36.19 -24.86
N ASP D 146 13.26 35.47 -25.54
CA ASP D 146 12.96 34.74 -26.77
C ASP D 146 11.94 33.62 -26.58
N GLU D 147 11.62 32.96 -27.69
CA GLU D 147 10.94 31.67 -27.64
C GLU D 147 11.79 30.71 -26.82
N PRO D 148 11.18 29.84 -26.00
CA PRO D 148 11.99 28.95 -25.16
C PRO D 148 12.85 28.02 -26.00
N SER D 149 14.03 27.71 -25.47
CA SER D 149 15.00 26.94 -26.21
C SER D 149 16.00 26.33 -25.23
N GLU D 150 16.85 25.45 -25.76
CA GLU D 150 17.91 24.83 -24.97
C GLU D 150 18.75 25.85 -24.21
N LYS D 151 18.90 27.07 -24.72
CA LYS D 151 19.72 28.06 -24.00
C LYS D 151 19.16 28.39 -22.64
N ASP D 152 17.85 28.30 -22.44
CA ASP D 152 17.30 28.69 -21.15
C ASP D 152 17.78 27.77 -20.05
N ALA D 153 18.21 26.55 -20.39
CA ALA D 153 18.72 25.59 -19.44
C ALA D 153 20.21 25.70 -19.19
N LEU D 154 20.94 26.48 -19.97
CA LEU D 154 22.38 26.59 -19.78
C LEU D 154 22.76 27.74 -18.86
N GLN D 155 22.01 27.91 -17.72
CA GLN D 155 22.36 28.87 -16.69
C GLN D 155 23.27 28.20 -15.66
N PRO D 156 24.12 28.95 -14.98
CA PRO D 156 24.95 28.37 -13.92
C PRO D 156 24.10 28.07 -12.70
N GLY D 157 24.68 27.28 -11.79
CA GLY D 157 23.94 26.87 -10.61
C GLY D 157 23.39 28.02 -9.78
N ARG D 158 24.11 29.13 -9.70
CA ARG D 158 23.71 30.24 -8.83
C ARG D 158 22.31 30.77 -9.14
N ASN D 159 21.82 30.61 -10.37
CA ASN D 159 20.50 31.06 -10.76
C ASN D 159 19.36 30.15 -10.31
N LEU D 160 19.67 29.03 -9.65
CA LEU D 160 18.67 28.07 -9.24
C LEU D 160 17.64 28.69 -8.29
N VAL D 161 16.36 28.43 -8.56
CA VAL D 161 15.29 28.81 -7.66
C VAL D 161 14.99 27.73 -6.61
N ALA D 162 15.16 26.46 -6.95
CA ALA D 162 14.83 25.34 -6.08
C ALA D 162 15.51 24.08 -6.63
N ALA D 163 15.92 23.20 -5.72
CA ALA D 163 16.63 22.00 -6.11
C ALA D 163 16.48 20.97 -5.01
N GLY D 164 16.70 19.71 -5.36
CA GLY D 164 16.61 18.67 -4.36
C GLY D 164 16.60 17.29 -4.98
N TYR D 165 16.23 16.32 -4.15
CA TYR D 165 16.26 14.93 -4.57
C TYR D 165 15.19 14.14 -3.85
N ALA D 166 14.85 12.99 -4.44
CA ALA D 166 14.11 11.93 -3.79
C ALA D 166 15.02 10.74 -3.65
N LEU D 167 15.18 10.24 -2.43
CA LEU D 167 15.96 9.03 -2.17
C LEU D 167 15.00 7.89 -1.89
N TYR D 168 15.14 6.80 -2.66
CA TYR D 168 14.39 5.57 -2.43
C TYR D 168 15.34 4.59 -1.74
N GLY D 169 15.45 4.75 -0.42
CA GLY D 169 16.33 3.92 0.39
C GLY D 169 15.54 2.95 1.24
N SER D 170 15.92 2.79 2.51
CA SER D 170 15.09 1.94 3.36
C SER D 170 13.66 2.48 3.46
N ALA D 171 13.50 3.81 3.33
CA ALA D 171 12.21 4.44 3.10
C ALA D 171 12.42 5.51 2.03
N THR D 172 11.36 6.21 1.63
CA THR D 172 11.45 7.23 0.59
C THR D 172 11.36 8.64 1.18
N MET D 173 12.38 9.47 0.90
CA MET D 173 12.46 10.83 1.42
C MET D 173 12.70 11.86 0.33
N LEU D 174 11.96 12.97 0.38
CA LEU D 174 12.20 14.10 -0.52
C LEU D 174 12.93 15.24 0.23
N VAL D 175 14.04 15.68 -0.33
CA VAL D 175 14.83 16.74 0.27
C VAL D 175 14.71 17.94 -0.64
N LEU D 176 14.12 19.02 -0.13
CA LEU D 176 13.83 20.21 -0.92
C LEU D 176 14.61 21.39 -0.36
N ALA D 177 15.48 21.97 -1.18
CA ALA D 177 16.28 23.13 -0.80
C ALA D 177 15.79 24.32 -1.60
N MET D 178 15.58 25.42 -0.91
CA MET D 178 15.19 26.70 -1.50
C MET D 178 15.92 27.79 -0.71
N ASP D 179 15.57 29.05 -0.97
CA ASP D 179 16.20 30.14 -0.24
C ASP D 179 15.93 30.07 1.26
N CYS D 180 14.80 29.49 1.67
CA CYS D 180 14.54 29.41 3.11
C CYS D 180 15.40 28.36 3.80
N GLY D 181 16.15 27.54 3.05
CA GLY D 181 16.99 26.50 3.60
C GLY D 181 16.55 25.13 3.11
N VAL D 182 17.08 24.09 3.77
CA VAL D 182 16.89 22.71 3.33
C VAL D 182 15.84 22.04 4.23
N ASN D 183 14.88 21.38 3.61
CA ASN D 183 13.87 20.67 4.39
C ASN D 183 13.67 19.25 3.87
N CYS D 184 13.51 18.32 4.82
CA CYS D 184 13.47 16.89 4.53
C CYS D 184 12.08 16.32 4.82
N PHE D 185 11.50 15.64 3.84
CA PHE D 185 10.14 15.13 3.91
C PHE D 185 10.11 13.62 3.72
N MET D 186 9.43 12.93 4.63
CA MET D 186 9.34 11.46 4.63
C MET D 186 8.01 11.02 4.04
N LEU D 187 8.08 10.12 3.06
CA LEU D 187 6.89 9.60 2.40
C LEU D 187 6.22 8.53 3.25
N ASP D 188 4.99 8.79 3.69
CA ASP D 188 4.16 7.84 4.40
C ASP D 188 3.37 7.03 3.39
N PRO D 189 3.79 5.80 3.08
CA PRO D 189 3.08 5.02 2.05
C PRO D 189 1.65 4.68 2.41
N ALA D 190 1.30 4.65 3.70
CA ALA D 190 -0.08 4.30 4.04
C ALA D 190 -1.08 5.32 3.50
N ILE D 191 -0.66 6.58 3.33
CA ILE D 191 -1.52 7.68 2.91
C ILE D 191 -0.95 8.49 1.75
N GLY D 192 0.23 8.15 1.24
CA GLY D 192 0.82 8.95 0.18
C GLY D 192 1.00 10.42 0.54
N GLU D 193 1.68 10.73 1.63
CA GLU D 193 1.95 12.11 2.05
C GLU D 193 3.40 12.24 2.48
N PHE D 194 4.04 13.33 2.08
CA PHE D 194 5.38 13.63 2.55
C PHE D 194 5.27 14.42 3.86
N ILE D 195 5.74 13.80 4.95
CA ILE D 195 5.67 14.35 6.30
C ILE D 195 7.00 15.01 6.61
N LEU D 196 6.96 16.28 7.02
CA LEU D 196 8.16 17.03 7.39
C LEU D 196 8.78 16.48 8.67
N VAL D 197 10.06 16.08 8.60
CA VAL D 197 10.72 15.39 9.71
C VAL D 197 12.04 16.02 10.13
N ASP D 198 12.54 16.96 9.34
CA ASP D 198 13.78 17.68 9.66
C ASP D 198 13.70 19.08 9.06
N LYS D 199 13.51 20.08 9.90
CA LYS D 199 13.34 21.45 9.45
C LYS D 199 14.69 22.16 9.39
N ASP D 200 14.94 22.81 8.25
CA ASP D 200 16.05 23.72 8.06
C ASP D 200 17.39 23.09 8.47
N VAL D 201 17.75 22.01 7.76
CA VAL D 201 18.88 21.15 8.15
C VAL D 201 20.19 21.83 7.75
N LYS D 202 21.25 21.55 8.53
CA LYS D 202 22.59 22.08 8.28
C LYS D 202 23.61 20.97 8.42
N ILE D 203 24.61 20.97 7.57
CA ILE D 203 25.64 19.92 7.61
C ILE D 203 26.69 20.30 8.63
N LYS D 204 27.24 19.28 9.30
CA LYS D 204 28.34 19.43 10.26
C LYS D 204 29.50 20.22 9.66
N LYS D 205 30.24 20.91 10.52
CA LYS D 205 31.43 21.64 10.08
C LYS D 205 32.48 20.69 9.53
N LYS D 206 32.65 19.53 10.16
CA LYS D 206 33.64 18.56 9.74
C LYS D 206 33.13 17.16 10.07
N GLY D 207 33.33 16.23 9.13
CA GLY D 207 32.87 14.87 9.27
C GLY D 207 34.01 13.89 9.41
N LYS D 208 33.64 12.60 9.51
CA LYS D 208 34.62 11.53 9.65
C LYS D 208 34.44 10.43 8.61
N ILE D 209 33.88 10.78 7.44
CA ILE D 209 33.68 9.81 6.36
C ILE D 209 34.07 10.45 5.05
N TYR D 210 34.78 9.70 4.21
CA TYR D 210 35.13 10.13 2.87
C TYR D 210 34.56 9.11 1.89
N SER D 211 34.17 9.58 0.71
CA SER D 211 33.35 8.79 -0.19
C SER D 211 33.81 9.02 -1.62
N LEU D 212 34.40 8.00 -2.24
CA LEU D 212 34.70 8.03 -3.66
C LEU D 212 35.01 6.62 -4.11
N ASN D 213 35.11 6.46 -5.42
CA ASN D 213 35.46 5.18 -6.05
C ASN D 213 36.98 5.04 -6.08
N GLU D 214 37.52 4.23 -5.17
CA GLU D 214 38.97 4.10 -5.12
C GLU D 214 39.51 3.07 -6.12
N GLY D 215 38.65 2.44 -6.91
CA GLY D 215 39.14 1.63 -8.01
C GLY D 215 39.80 2.44 -9.11
N TYR D 216 39.49 3.73 -9.21
CA TYR D 216 40.17 4.65 -10.11
C TYR D 216 41.48 5.16 -9.55
N ALA D 217 42.12 4.43 -8.63
CA ALA D 217 43.23 5.01 -7.89
C ALA D 217 44.42 5.32 -8.80
N LYS D 218 44.67 4.47 -9.79
CA LYS D 218 45.81 4.67 -10.69
C LYS D 218 45.65 5.89 -11.59
N ASP D 219 44.43 6.40 -11.77
CA ASP D 219 44.21 7.55 -12.63
C ASP D 219 43.99 8.83 -11.85
N PHE D 220 44.08 8.79 -10.52
CA PHE D 220 43.76 9.95 -9.70
C PHE D 220 44.67 11.13 -10.01
N ASP D 221 44.09 12.32 -10.01
CA ASP D 221 44.85 13.55 -9.92
C ASP D 221 45.82 13.46 -8.74
N PRO D 222 47.05 13.94 -8.89
CA PRO D 222 48.01 13.82 -7.77
C PRO D 222 47.54 14.51 -6.50
N ALA D 223 46.69 15.53 -6.60
CA ALA D 223 46.15 16.17 -5.40
C ALA D 223 45.15 15.27 -4.70
N VAL D 224 44.30 14.57 -5.45
CA VAL D 224 43.37 13.62 -4.84
C VAL D 224 44.13 12.49 -4.15
N THR D 225 45.15 11.94 -4.81
CA THR D 225 45.92 10.86 -4.19
C THR D 225 46.52 11.31 -2.85
N GLU D 226 46.91 12.57 -2.74
CA GLU D 226 47.45 13.06 -1.47
C GLU D 226 46.35 13.26 -0.43
N TYR D 227 45.20 13.79 -0.84
CA TYR D 227 44.12 14.01 0.11
C TYR D 227 43.63 12.70 0.73
N ILE D 228 43.40 11.68 -0.09
CA ILE D 228 42.97 10.39 0.43
C ILE D 228 44.01 9.79 1.36
N GLN D 229 45.29 9.90 0.98
CA GLN D 229 46.38 9.48 1.86
C GLN D 229 46.26 10.16 3.22
N ARG D 230 45.91 11.45 3.23
CA ARG D 230 45.74 12.16 4.50
C ARG D 230 44.59 11.58 5.31
N LYS D 231 43.57 11.02 4.66
CA LYS D 231 42.45 10.47 5.42
C LYS D 231 42.77 9.09 5.95
N LYS D 232 43.43 8.26 5.14
CA LYS D 232 43.80 6.91 5.59
C LYS D 232 44.91 6.97 6.62
N PHE D 233 45.89 7.87 6.42
CA PHE D 233 47.07 8.01 7.28
C PHE D 233 47.15 9.45 7.75
N PRO D 234 46.55 9.78 8.90
CA PRO D 234 46.39 11.18 9.30
C PRO D 234 47.72 11.82 9.65
N PRO D 235 47.92 13.09 9.26
CA PRO D 235 49.14 13.78 9.72
C PRO D 235 49.19 13.90 11.23
N ASP D 236 48.10 14.38 11.84
CA ASP D 236 48.08 14.61 13.27
C ASP D 236 47.78 13.31 14.04
N ASN D 237 47.68 13.45 15.37
CA ASN D 237 47.30 12.42 16.32
C ASN D 237 45.85 11.92 16.20
N SER D 238 45.16 12.24 15.10
CA SER D 238 43.76 11.89 14.97
C SER D 238 43.55 10.48 14.42
N ALA D 239 42.30 10.04 14.48
CA ALA D 239 41.84 8.79 13.92
C ALA D 239 41.58 8.95 12.42
N PRO D 240 41.83 7.91 11.62
CA PRO D 240 41.53 7.99 10.19
C PRO D 240 40.04 7.99 9.91
N TYR D 241 39.69 8.49 8.74
CA TYR D 241 38.29 8.51 8.33
C TYR D 241 37.80 7.10 8.02
N GLY D 242 36.50 6.89 8.23
CA GLY D 242 35.85 5.73 7.65
C GLY D 242 35.55 5.96 6.20
N ALA D 243 35.47 4.87 5.43
CA ALA D 243 35.17 4.90 4.01
C ALA D 243 33.77 4.35 3.75
N ARG D 244 33.01 5.05 2.90
CA ARG D 244 31.70 4.58 2.44
C ARG D 244 31.53 4.97 0.98
N TYR D 245 31.13 4.02 0.14
CA TYR D 245 30.83 4.36 -1.26
C TYR D 245 29.76 3.38 -1.75
N VAL D 246 28.53 3.88 -1.81
CA VAL D 246 27.40 3.11 -2.29
C VAL D 246 27.44 2.96 -3.80
N GLY D 247 27.99 3.94 -4.52
CA GLY D 247 27.92 3.94 -5.95
C GLY D 247 26.67 4.58 -6.52
N SER D 248 25.84 5.18 -5.67
CA SER D 248 24.62 5.84 -6.09
C SER D 248 24.68 7.27 -5.53
N MET D 249 24.74 8.26 -6.42
CA MET D 249 25.04 9.63 -5.96
C MET D 249 24.03 10.11 -4.93
N VAL D 250 22.75 9.85 -5.17
CA VAL D 250 21.76 10.35 -4.20
C VAL D 250 22.02 9.75 -2.82
N ALA D 251 22.33 8.44 -2.77
CA ALA D 251 22.56 7.79 -1.48
C ALA D 251 23.80 8.34 -0.77
N ASP D 252 24.92 8.45 -1.48
CA ASP D 252 26.15 8.93 -0.84
C ASP D 252 26.02 10.39 -0.43
N VAL D 253 25.39 11.22 -1.28
CA VAL D 253 25.21 12.62 -0.94
C VAL D 253 24.29 12.76 0.27
N HIS D 254 23.24 11.94 0.38
CA HIS D 254 22.36 12.07 1.53
C HIS D 254 23.07 11.69 2.83
N ARG D 255 23.82 10.59 2.82
CA ARG D 255 24.62 10.24 4.00
C ARG D 255 25.56 11.38 4.40
N THR D 256 26.11 12.09 3.42
CA THR D 256 26.99 13.23 3.71
C THR D 256 26.22 14.40 4.36
N LEU D 257 24.97 14.63 3.98
CA LEU D 257 24.19 15.67 4.65
C LEU D 257 23.82 15.25 6.08
N VAL D 258 23.47 13.98 6.28
CA VAL D 258 22.98 13.50 7.57
C VAL D 258 24.11 13.36 8.58
N TYR D 259 25.26 12.78 8.17
CA TYR D 259 26.34 12.42 9.07
C TYR D 259 27.59 13.29 8.91
N GLY D 260 27.62 14.16 7.92
CA GLY D 260 28.80 14.95 7.63
C GLY D 260 29.83 14.14 6.88
N GLY D 261 30.89 14.83 6.46
CA GLY D 261 31.93 14.19 5.68
C GLY D 261 32.12 14.77 4.29
N ILE D 262 32.72 13.99 3.40
CA ILE D 262 33.08 14.49 2.09
C ILE D 262 32.79 13.42 1.05
N PHE D 263 32.37 13.87 -0.13
CA PHE D 263 32.07 13.02 -1.26
C PHE D 263 32.89 13.52 -2.45
N LEU D 264 33.46 12.60 -3.21
CA LEU D 264 34.35 12.95 -4.32
C LEU D 264 34.02 12.10 -5.53
N TYR D 265 33.86 12.77 -6.68
CA TYR D 265 33.92 12.12 -7.98
C TYR D 265 34.72 13.06 -8.86
N PRO D 266 36.05 13.04 -8.73
CA PRO D 266 36.88 14.14 -9.21
C PRO D 266 37.41 13.92 -10.62
N ALA D 267 38.09 14.96 -11.12
CA ALA D 267 38.75 14.86 -12.41
C ALA D 267 40.00 14.00 -12.31
N ASN D 268 40.10 12.99 -13.18
CA ASN D 268 41.28 12.17 -13.33
C ASN D 268 41.91 12.34 -14.71
N LYS D 269 42.68 11.35 -15.14
CA LYS D 269 43.29 11.41 -16.47
C LYS D 269 42.31 10.94 -17.56
N LYS D 270 41.53 9.88 -17.29
CA LYS D 270 40.55 9.39 -18.27
C LYS D 270 39.38 10.35 -18.47
N SER D 271 39.13 11.25 -17.51
CA SER D 271 38.03 12.20 -17.62
C SER D 271 38.44 13.54 -17.03
N PRO D 272 39.03 14.43 -17.84
CA PRO D 272 39.48 15.72 -17.30
C PRO D 272 38.33 16.58 -16.81
N ASN D 273 37.09 16.21 -17.14
CA ASN D 273 35.89 16.91 -16.69
C ASN D 273 35.02 16.02 -15.81
N GLY D 274 35.61 14.99 -15.19
CA GLY D 274 34.81 14.06 -14.40
C GLY D 274 33.83 13.27 -15.26
N LYS D 275 32.83 12.70 -14.60
CA LYS D 275 31.86 11.90 -15.32
C LYS D 275 30.43 12.31 -14.98
N LEU D 276 30.22 12.84 -13.78
CA LEU D 276 28.90 13.25 -13.34
C LEU D 276 28.41 14.51 -14.08
N ARG D 277 27.12 14.51 -14.45
CA ARG D 277 26.55 15.60 -15.25
C ARG D 277 26.29 16.84 -14.42
N LEU D 278 26.54 18.00 -15.01
CA LEU D 278 26.52 19.25 -14.25
C LEU D 278 25.11 19.73 -13.95
N LEU D 279 24.23 19.76 -14.98
CA LEU D 279 22.94 20.43 -14.84
C LEU D 279 21.96 19.64 -13.97
N TYR D 280 21.98 18.31 -14.02
CA TYR D 280 20.98 17.55 -13.29
C TYR D 280 21.60 16.57 -12.30
N GLU D 281 22.87 16.77 -11.95
CA GLU D 281 23.49 16.03 -10.84
C GLU D 281 24.34 16.95 -10.00
N CYS D 282 25.36 17.57 -10.60
CA CYS D 282 26.27 18.43 -9.85
C CYS D 282 25.57 19.69 -9.33
N ASN D 283 24.79 20.36 -10.16
CA ASN D 283 24.17 21.61 -9.68
C ASN D 283 23.20 21.40 -8.53
N PRO D 284 22.16 20.55 -8.64
CA PRO D 284 21.24 20.40 -7.50
C PRO D 284 21.93 19.99 -6.21
N MET D 285 22.88 19.06 -6.27
CA MET D 285 23.57 18.65 -5.05
C MET D 285 24.39 19.80 -4.47
N ALA D 286 25.11 20.54 -5.32
CA ALA D 286 25.81 21.73 -4.83
C ALA D 286 24.85 22.74 -4.22
N TYR D 287 23.66 22.91 -4.81
CA TYR D 287 22.71 23.86 -4.23
C TYR D 287 22.22 23.39 -2.87
N VAL D 288 21.84 22.11 -2.77
CA VAL D 288 21.45 21.54 -1.48
C VAL D 288 22.57 21.71 -0.47
N MET D 289 23.80 21.37 -0.86
CA MET D 289 24.94 21.46 0.04
C MET D 289 25.14 22.89 0.54
N GLU D 290 25.07 23.87 -0.37
CA GLU D 290 25.34 25.25 0.03
C GLU D 290 24.21 25.79 0.90
N LYS D 291 22.96 25.53 0.54
CA LYS D 291 21.85 25.99 1.38
C LYS D 291 21.88 25.38 2.78
N ALA D 292 22.60 24.28 2.96
CA ALA D 292 22.71 23.61 4.25
C ALA D 292 24.04 23.89 4.93
N GLY D 293 24.76 24.92 4.48
CA GLY D 293 25.96 25.31 5.16
C GLY D 293 27.18 24.51 4.79
N GLY D 294 27.16 23.84 3.63
CA GLY D 294 28.28 23.06 3.19
C GLY D 294 28.82 23.70 1.93
N MET D 295 29.74 23.02 1.25
CA MET D 295 30.40 23.57 0.07
C MET D 295 30.43 22.51 -1.01
N ALA D 296 30.69 22.94 -2.25
CA ALA D 296 30.82 22.03 -3.38
C ALA D 296 31.69 22.69 -4.46
N THR D 297 32.82 22.06 -4.77
CA THR D 297 33.82 22.66 -5.65
C THR D 297 34.20 21.69 -6.76
N THR D 298 34.54 22.26 -7.91
CA THR D 298 35.14 21.49 -8.99
C THR D 298 36.62 21.21 -8.76
N GLY D 299 37.22 21.87 -7.77
CA GLY D 299 38.67 21.94 -7.63
C GLY D 299 39.18 23.34 -7.92
N LYS D 300 38.73 23.92 -9.03
CA LYS D 300 39.13 25.28 -9.41
C LYS D 300 38.09 26.33 -9.05
N GLU D 301 36.81 26.03 -9.20
CA GLU D 301 35.73 26.98 -8.91
C GLU D 301 34.59 26.26 -8.20
N ALA D 302 33.72 27.06 -7.59
CA ALA D 302 32.51 26.51 -6.99
C ALA D 302 31.57 26.03 -8.09
N VAL D 303 30.92 24.89 -7.83
CA VAL D 303 30.11 24.22 -8.84
C VAL D 303 29.02 25.14 -9.37
N LEU D 304 28.41 25.94 -8.50
CA LEU D 304 27.34 26.84 -8.95
C LEU D 304 27.85 27.98 -9.83
N ASP D 305 29.16 28.15 -9.95
CA ASP D 305 29.76 29.20 -10.78
C ASP D 305 30.20 28.72 -12.15
N VAL D 306 30.01 27.45 -12.49
CA VAL D 306 30.37 26.97 -13.83
C VAL D 306 29.27 27.38 -14.79
N ILE D 307 29.67 27.96 -15.93
CA ILE D 307 28.76 28.37 -16.98
C ILE D 307 28.70 27.24 -18.00
N PRO D 308 27.55 26.60 -18.20
CA PRO D 308 27.49 25.46 -19.12
C PRO D 308 27.24 25.86 -20.57
N THR D 309 27.81 25.08 -21.49
CA THR D 309 27.58 25.26 -22.91
C THR D 309 26.86 24.09 -23.57
N ASP D 310 26.69 22.96 -22.87
CA ASP D 310 25.90 21.87 -23.40
C ASP D 310 25.20 21.18 -22.22
N ILE D 311 23.93 20.81 -22.42
CA ILE D 311 23.09 20.42 -21.29
C ILE D 311 23.55 19.13 -20.65
N HIS D 312 24.26 18.27 -21.37
CA HIS D 312 24.77 17.01 -20.84
C HIS D 312 26.26 17.05 -20.53
N GLN D 313 26.82 18.25 -20.38
CA GLN D 313 28.25 18.36 -20.09
C GLN D 313 28.53 17.90 -18.66
N ARG D 314 29.75 17.42 -18.45
CA ARG D 314 30.19 16.86 -17.17
C ARG D 314 30.96 17.89 -16.35
N ALA D 315 31.18 17.54 -15.07
CA ALA D 315 31.93 18.39 -14.15
C ALA D 315 32.43 17.54 -13.01
N PRO D 316 33.68 17.69 -12.56
CA PRO D 316 34.12 17.02 -11.34
C PRO D 316 33.49 17.68 -10.12
N VAL D 317 33.36 16.92 -9.03
CA VAL D 317 32.67 17.44 -7.86
C VAL D 317 33.28 16.87 -6.58
N ILE D 318 33.57 17.76 -5.64
CA ILE D 318 33.97 17.42 -4.28
C ILE D 318 33.08 18.24 -3.35
N LEU D 319 32.24 17.57 -2.56
CA LEU D 319 31.27 18.28 -1.74
C LEU D 319 31.19 17.65 -0.36
N GLY D 320 30.57 18.39 0.56
CA GLY D 320 30.37 17.92 1.90
C GLY D 320 30.55 19.01 2.93
N SER D 321 31.02 18.62 4.12
CA SER D 321 31.28 19.56 5.20
C SER D 321 32.32 20.60 4.77
N PRO D 322 32.14 21.87 5.16
CA PRO D 322 33.06 22.91 4.65
C PRO D 322 34.52 22.67 5.05
N ASP D 323 34.77 22.25 6.28
CA ASP D 323 36.15 22.03 6.71
C ASP D 323 36.81 20.95 5.88
N ASP D 324 36.04 19.95 5.45
CA ASP D 324 36.62 18.89 4.66
C ASP D 324 36.87 19.34 3.22
N VAL D 325 35.95 20.15 2.66
CA VAL D 325 36.19 20.65 1.31
C VAL D 325 37.36 21.62 1.31
N LEU D 326 37.44 22.47 2.34
CA LEU D 326 38.56 23.41 2.46
C LEU D 326 39.88 22.67 2.55
N GLU D 327 39.96 21.68 3.45
CA GLU D 327 41.18 20.90 3.60
C GLU D 327 41.60 20.30 2.26
N PHE D 328 40.64 19.86 1.46
CA PHE D 328 40.97 19.39 0.13
C PHE D 328 41.49 20.54 -0.73
N LEU D 329 40.83 21.72 -0.65
CA LEU D 329 41.20 22.82 -1.51
C LEU D 329 42.60 23.32 -1.19
N LYS D 330 42.99 23.31 0.08
CA LYS D 330 44.38 23.59 0.45
C LYS D 330 45.34 22.68 -0.33
N VAL D 331 44.98 21.39 -0.47
CA VAL D 331 45.81 20.46 -1.20
C VAL D 331 45.78 20.72 -2.71
N TYR D 332 44.62 21.08 -3.26
CA TYR D 332 44.53 21.26 -4.71
C TYR D 332 45.38 22.44 -5.18
N GLU D 333 45.42 23.52 -4.39
CA GLU D 333 46.20 24.69 -4.74
C GLU D 333 47.70 24.45 -4.54
N LYS D 334 48.06 23.56 -3.61
CA LYS D 334 49.45 23.16 -3.44
C LYS D 334 49.99 22.47 -4.71
N HIS D 335 49.13 21.76 -5.44
CA HIS D 335 49.49 21.19 -6.73
C HIS D 335 49.14 22.12 -7.89
N SER D 336 48.94 23.41 -7.62
CA SER D 336 48.59 24.38 -8.66
C SER D 336 49.61 25.52 -8.77
#